data_6ZU2
#
_entry.id   6ZU2
#
_cell.length_a   74.040
_cell.length_b   74.040
_cell.length_c   119.893
_cell.angle_alpha   90.000
_cell.angle_beta   90.000
_cell.angle_gamma   120.000
#
_symmetry.space_group_name_H-M   'P 31'
#
loop_
_entity.id
_entity.type
_entity.pdbx_description
1 polymer 'Mucin-binding lectin 1'
2 branched alpha-L-fucopyranose-(1-2)-beta-D-galactopyranose-(1-3)-2-acetamido-2-deoxy-beta-D-glucopyranose
3 non-polymer 'SULFATE ION'
4 water water
#
_entity_poly.entity_id   1
_entity_poly.type   'polypeptide(L)'
_entity_poly.pdbx_seq_one_letter_code
;AIFHTGSELFIITRGPGKLTLLTWGGLNNLRSVIGAIPTENTGVTKWAVSFSHNYTRFSFIWEGQGEACYQIGNGLTRSP
VGRSWSSSSTIHWGSSTVITEDVTSVVPGAVNRDKVTTAYALPDNL
;
_entity_poly.pdbx_strand_id   AAA,BBB,CCC,DDD,EEE,FFF
#
# COMPACT_ATOMS: atom_id res chain seq x y z
N ALA A 1 0.24 -23.94 16.55
CA ALA A 1 -0.46 -24.77 15.60
C ALA A 1 -1.08 -23.87 14.52
N ILE A 2 -1.01 -24.33 13.29
CA ILE A 2 -1.63 -23.58 12.18
C ILE A 2 -3.14 -23.52 12.46
N PHE A 3 -3.68 -22.37 12.07
CA PHE A 3 -5.11 -21.94 12.17
C PHE A 3 -5.42 -21.33 13.52
N HIS A 4 -4.56 -21.47 14.53
CA HIS A 4 -4.70 -20.71 15.78
C HIS A 4 -4.36 -19.26 15.48
N THR A 5 -4.86 -18.33 16.29
CA THR A 5 -4.51 -16.93 16.23
C THR A 5 -2.98 -16.81 16.29
N GLY A 6 -2.39 -16.04 15.38
CA GLY A 6 -0.93 -15.92 15.24
C GLY A 6 -0.34 -16.86 14.20
N SER A 7 -1.03 -17.92 13.80
CA SER A 7 -0.50 -18.94 12.85
C SER A 7 -1.55 -19.16 11.78
N GLU A 8 -2.11 -18.07 11.31
CA GLU A 8 -3.14 -18.06 10.24
C GLU A 8 -2.51 -18.51 8.92
N LEU A 9 -3.26 -19.17 8.08
CA LEU A 9 -2.77 -19.70 6.79
C LEU A 9 -3.08 -18.75 5.64
N PHE A 10 -2.05 -18.18 5.01
CA PHE A 10 -2.24 -17.27 3.86
C PHE A 10 -1.55 -17.85 2.65
N ILE A 11 -2.12 -17.58 1.50
CA ILE A 11 -1.51 -17.98 0.20
C ILE A 11 -1.26 -16.75 -0.63
N ILE A 12 -0.20 -16.81 -1.44
CA ILE A 12 0.14 -15.78 -2.43
C ILE A 12 0.31 -16.50 -3.76
N THR A 13 -0.41 -15.98 -4.75
CA THR A 13 -0.36 -16.63 -6.10
C THR A 13 -0.03 -15.56 -7.13
N ARG A 14 0.44 -15.98 -8.31
CA ARG A 14 0.62 -15.08 -9.45
C ARG A 14 -0.13 -15.62 -10.69
N GLY A 15 -0.90 -14.72 -11.27
CA GLY A 15 -1.67 -15.04 -12.49
C GLY A 15 -2.93 -15.80 -12.18
N PRO A 16 -3.70 -16.12 -13.22
CA PRO A 16 -4.96 -16.80 -13.02
C PRO A 16 -4.81 -18.28 -12.69
N GLY A 17 -5.81 -18.80 -12.04
CA GLY A 17 -5.81 -20.22 -11.64
C GLY A 17 -6.84 -20.54 -10.61
N LYS A 18 -6.81 -21.77 -10.12
CA LYS A 18 -7.72 -22.21 -9.06
C LYS A 18 -6.87 -22.71 -7.90
N LEU A 19 -7.28 -22.28 -6.74
CA LEU A 19 -6.84 -22.85 -5.44
C LEU A 19 -7.93 -23.82 -5.01
N THR A 20 -7.56 -25.06 -4.76
CA THR A 20 -8.56 -26.09 -4.41
C THR A 20 -8.27 -26.63 -3.01
N LEU A 21 -9.29 -26.62 -2.16
CA LEU A 21 -9.19 -27.09 -0.78
C LEU A 21 -10.03 -28.34 -0.59
N LEU A 22 -9.35 -29.37 -0.03
CA LEU A 22 -9.96 -30.61 0.43
C LEU A 22 -10.01 -30.61 1.96
N THR A 23 -11.22 -30.64 2.47
CA THR A 23 -11.55 -30.70 3.91
C THR A 23 -11.96 -32.13 4.24
N TRP A 24 -11.17 -32.81 5.08
CA TRP A 24 -11.42 -34.25 5.32
C TRP A 24 -11.06 -34.64 6.75
N GLY A 25 -10.99 -35.96 7.00
CA GLY A 25 -10.89 -36.45 8.38
C GLY A 25 -12.02 -35.90 9.25
N GLY A 26 -13.21 -35.80 8.70
CA GLY A 26 -14.39 -35.40 9.47
C GLY A 26 -14.62 -36.31 10.67
N LEU A 27 -14.74 -35.72 11.84
CA LEU A 27 -15.25 -36.44 13.04
C LEU A 27 -16.62 -37.08 12.75
N ASN A 28 -16.89 -38.25 13.31
N ASN A 28 -16.84 -38.25 13.35
CA ASN A 28 -18.26 -38.81 13.32
CA ASN A 28 -18.14 -38.98 13.33
C ASN A 28 -18.78 -39.04 11.88
C ASN A 28 -18.72 -39.03 11.91
N ASN A 29 -17.90 -39.36 10.92
CA ASN A 29 -18.36 -39.68 9.57
C ASN A 29 -18.81 -38.45 8.76
N LEU A 30 -18.41 -37.25 9.14
CA LEU A 30 -18.80 -36.07 8.34
C LEU A 30 -18.17 -36.21 6.95
N ARG A 31 -18.94 -35.85 5.94
CA ARG A 31 -18.56 -35.97 4.50
C ARG A 31 -17.38 -35.03 4.21
N SER A 32 -16.32 -35.52 3.61
CA SER A 32 -15.22 -34.73 3.06
C SER A 32 -15.78 -33.80 1.99
N VAL A 33 -15.14 -32.62 1.89
CA VAL A 33 -15.53 -31.60 0.89
C VAL A 33 -14.32 -31.25 0.03
N ILE A 34 -14.58 -31.07 -1.26
CA ILE A 34 -13.57 -30.52 -2.22
C ILE A 34 -14.21 -29.32 -2.91
N GLY A 35 -13.45 -28.23 -3.00
CA GLY A 35 -13.93 -27.06 -3.70
C GLY A 35 -12.82 -26.26 -4.29
N ALA A 36 -12.92 -25.97 -5.57
CA ALA A 36 -12.01 -25.07 -6.29
C ALA A 36 -12.52 -23.64 -6.23
N ILE A 37 -11.58 -22.73 -5.97
CA ILE A 37 -11.83 -21.26 -5.90
C ILE A 37 -11.00 -20.61 -6.98
N PRO A 38 -11.62 -20.00 -8.00
CA PRO A 38 -10.88 -19.32 -9.06
C PRO A 38 -10.43 -17.90 -8.73
N THR A 39 -9.34 -17.50 -9.36
CA THR A 39 -8.92 -16.09 -9.51
C THR A 39 -8.67 -15.85 -10.99
N GLU A 40 -9.06 -14.68 -11.44
CA GLU A 40 -8.76 -14.25 -12.82
C GLU A 40 -7.70 -13.17 -12.79
N ASN A 41 -7.10 -12.85 -11.65
CA ASN A 41 -6.12 -11.75 -11.58
C ASN A 41 -4.89 -12.09 -12.45
N THR A 42 -4.32 -11.11 -13.14
CA THR A 42 -3.11 -11.32 -13.97
C THR A 42 -1.86 -11.24 -13.10
N GLY A 43 -1.98 -10.53 -11.99
CA GLY A 43 -0.84 -10.33 -11.08
C GLY A 43 -0.97 -11.15 -9.81
N VAL A 44 -0.60 -10.52 -8.70
CA VAL A 44 -0.58 -11.23 -7.41
C VAL A 44 -1.98 -11.26 -6.80
N THR A 45 -2.35 -12.42 -6.30
CA THR A 45 -3.55 -12.61 -5.45
C THR A 45 -3.07 -13.04 -4.09
N LYS A 46 -3.61 -12.40 -3.05
CA LYS A 46 -3.41 -12.85 -1.66
C LYS A 46 -4.67 -13.61 -1.21
N TRP A 47 -4.54 -14.64 -0.42
CA TRP A 47 -5.66 -15.47 0.00
C TRP A 47 -5.61 -15.74 1.49
N ALA A 48 -6.76 -15.93 2.08
CA ALA A 48 -6.89 -16.46 3.44
C ALA A 48 -7.53 -17.86 3.34
N VAL A 49 -6.94 -18.88 3.92
CA VAL A 49 -7.47 -20.27 3.91
C VAL A 49 -7.90 -20.61 5.32
N SER A 50 -9.14 -21.05 5.48
CA SER A 50 -9.70 -21.37 6.81
C SER A 50 -9.82 -22.88 6.91
N PHE A 51 -9.77 -23.39 8.11
CA PHE A 51 -10.31 -24.72 8.46
C PHE A 51 -11.86 -24.67 8.59
N SER A 52 -12.47 -25.83 8.82
CA SER A 52 -13.90 -26.04 9.19
C SER A 52 -13.88 -26.77 10.53
N HIS A 53 -14.62 -26.30 11.53
CA HIS A 53 -14.77 -27.12 12.76
C HIS A 53 -15.22 -28.53 12.42
N ASN A 54 -14.79 -29.45 13.28
CA ASN A 54 -15.12 -30.89 13.24
C ASN A 54 -14.33 -31.63 12.16
N TYR A 55 -13.35 -31.00 11.53
CA TYR A 55 -12.46 -31.72 10.56
C TYR A 55 -11.05 -31.70 11.04
N THR A 56 -10.27 -32.75 10.67
CA THR A 56 -8.91 -32.87 11.23
C THR A 56 -7.78 -32.91 10.17
N ARG A 57 -8.15 -32.76 8.91
CA ARG A 57 -7.19 -32.71 7.79
C ARG A 57 -7.65 -31.65 6.76
N PHE A 58 -6.67 -30.92 6.28
CA PHE A 58 -6.87 -29.82 5.31
C PHE A 58 -5.76 -29.93 4.29
N SER A 59 -6.14 -30.10 3.02
CA SER A 59 -5.16 -30.27 1.93
C SER A 59 -5.50 -29.28 0.81
N PHE A 60 -4.49 -28.70 0.20
CA PHE A 60 -4.75 -27.70 -0.84
C PHE A 60 -3.70 -27.80 -1.93
N ILE A 61 -4.11 -27.45 -3.12
CA ILE A 61 -3.20 -27.39 -4.29
C ILE A 61 -3.52 -26.14 -5.07
N TRP A 62 -2.56 -25.71 -5.86
CA TRP A 62 -2.73 -24.60 -6.83
C TRP A 62 -2.59 -25.17 -8.23
N GLU A 63 -3.65 -24.98 -9.02
N GLU A 63 -3.50 -24.82 -9.14
CA GLU A 63 -3.65 -25.25 -10.49
CA GLU A 63 -3.48 -25.47 -10.47
C GLU A 63 -3.66 -23.92 -11.20
C GLU A 63 -3.19 -24.50 -11.60
N GLY A 64 -2.48 -23.52 -11.58
N GLY A 64 -2.86 -23.24 -11.33
CA GLY A 64 -2.31 -22.30 -12.35
CA GLY A 64 -2.49 -22.26 -12.38
C GLY A 64 -0.95 -22.41 -12.92
C GLY A 64 -1.09 -22.46 -12.94
N GLN A 65 -0.70 -21.71 -13.99
CA GLN A 65 0.66 -21.81 -14.59
C GLN A 65 1.65 -21.12 -13.67
N GLY A 66 1.22 -20.06 -12.95
CA GLY A 66 2.09 -19.21 -12.12
C GLY A 66 2.44 -19.81 -10.78
N GLU A 67 3.34 -19.13 -10.09
CA GLU A 67 3.81 -19.54 -8.74
C GLU A 67 2.68 -19.45 -7.70
N ALA A 68 2.90 -20.17 -6.61
CA ALA A 68 1.98 -20.16 -5.46
C ALA A 68 2.80 -20.51 -4.22
N CYS A 69 2.62 -19.75 -3.15
CA CYS A 69 3.37 -19.96 -1.88
C CYS A 69 2.44 -19.74 -0.71
N TYR A 70 2.78 -20.36 0.41
CA TYR A 70 2.01 -20.16 1.67
C TYR A 70 2.89 -19.42 2.66
N GLN A 71 2.22 -18.68 3.52
CA GLN A 71 2.84 -17.90 4.61
C GLN A 71 2.04 -18.24 5.86
N ILE A 72 2.72 -18.46 6.99
CA ILE A 72 2.03 -18.72 8.27
C ILE A 72 2.07 -17.46 9.11
N GLY A 73 0.91 -16.93 9.45
CA GLY A 73 0.86 -15.72 10.28
C GLY A 73 1.57 -14.56 9.66
N ASN A 74 2.29 -13.79 10.46
CA ASN A 74 3.11 -12.64 10.00
C ASN A 74 4.56 -13.13 9.80
N GLY A 75 4.77 -14.44 9.68
CA GLY A 75 6.07 -15.03 9.31
C GLY A 75 6.55 -14.42 8.02
N LEU A 76 7.87 -14.26 7.82
CA LEU A 76 8.36 -13.79 6.52
C LEU A 76 8.52 -14.89 5.50
N THR A 77 8.75 -16.14 5.89
CA THR A 77 8.98 -17.25 4.95
C THR A 77 7.75 -17.44 4.07
N ARG A 78 7.96 -17.60 2.78
CA ARG A 78 6.92 -18.06 1.82
C ARG A 78 7.41 -19.26 1.06
N SER A 79 6.71 -20.37 1.15
CA SER A 79 7.17 -21.67 0.64
C SER A 79 6.19 -22.20 -0.41
N PRO A 80 6.64 -22.91 -1.47
CA PRO A 80 5.70 -23.40 -2.49
C PRO A 80 4.58 -24.34 -2.06
N VAL A 81 3.40 -24.08 -2.63
CA VAL A 81 2.16 -24.86 -2.50
C VAL A 81 2.22 -26.07 -3.43
N GLY A 82 1.67 -27.20 -3.00
CA GLY A 82 1.48 -28.38 -3.86
C GLY A 82 0.70 -28.06 -5.12
N ARG A 83 1.01 -28.80 -6.17
CA ARG A 83 0.43 -28.54 -7.52
C ARG A 83 -0.35 -29.75 -8.01
N SER A 84 -0.47 -30.83 -7.25
CA SER A 84 -1.34 -31.98 -7.56
C SER A 84 -1.68 -32.74 -6.29
N TRP A 85 -2.77 -33.44 -6.34
CA TRP A 85 -3.29 -34.18 -5.15
C TRP A 85 -2.30 -35.26 -4.68
N SER A 86 -1.41 -35.72 -5.54
CA SER A 86 -0.40 -36.72 -5.08
C SER A 86 0.74 -36.05 -4.30
N SER A 87 0.89 -34.71 -4.33
CA SER A 87 1.90 -33.94 -3.59
C SER A 87 1.25 -32.68 -3.03
N SER A 88 0.11 -32.89 -2.38
CA SER A 88 -0.72 -31.77 -1.89
C SER A 88 0.04 -31.08 -0.76
N SER A 89 -0.28 -29.81 -0.48
CA SER A 89 0.08 -29.17 0.80
C SER A 89 -0.97 -29.60 1.85
N THR A 90 -0.56 -30.13 2.99
CA THR A 90 -1.53 -30.74 3.95
C THR A 90 -1.19 -30.27 5.36
N ILE A 91 -2.25 -29.97 6.10
CA ILE A 91 -2.16 -29.66 7.53
C ILE A 91 -2.99 -30.69 8.30
N HIS A 92 -2.30 -31.33 9.24
CA HIS A 92 -2.91 -32.18 10.27
C HIS A 92 -3.33 -31.28 11.42
N TRP A 93 -4.58 -31.32 11.80
CA TRP A 93 -5.10 -30.47 12.90
C TRP A 93 -4.15 -30.57 14.10
N GLY A 94 -3.68 -29.46 14.63
CA GLY A 94 -2.81 -29.42 15.82
C GLY A 94 -1.35 -29.34 15.43
N SER A 95 -1.02 -29.55 14.14
CA SER A 95 0.36 -29.40 13.62
C SER A 95 0.76 -27.93 13.42
N SER A 96 2.04 -27.57 13.56
CA SER A 96 2.60 -26.23 13.29
C SER A 96 3.26 -26.17 11.90
N THR A 97 3.17 -27.27 11.15
CA THR A 97 3.85 -27.39 9.83
C THR A 97 2.87 -27.85 8.74
N VAL A 98 3.08 -27.29 7.55
CA VAL A 98 2.47 -27.79 6.30
C VAL A 98 3.43 -28.85 5.76
N ILE A 99 2.90 -30.00 5.49
CA ILE A 99 3.72 -31.12 4.92
C ILE A 99 3.17 -31.45 3.55
N THR A 100 3.98 -32.07 2.73
CA THR A 100 3.51 -32.71 1.48
C THR A 100 2.87 -34.02 1.88
N GLU A 101 1.69 -34.33 1.29
CA GLU A 101 0.91 -35.55 1.50
C GLU A 101 0.10 -35.95 0.25
N ASP A 102 0.12 -37.23 -0.10
CA ASP A 102 -0.67 -37.79 -1.21
C ASP A 102 -2.07 -38.08 -0.71
N VAL A 103 -3.06 -37.28 -1.14
CA VAL A 103 -4.49 -37.46 -0.78
C VAL A 103 -5.36 -37.88 -1.97
N THR A 104 -4.80 -38.50 -3.03
CA THR A 104 -5.65 -38.99 -4.13
C THR A 104 -6.69 -40.03 -3.70
N SER A 105 -6.47 -40.77 -2.61
CA SER A 105 -7.44 -41.77 -2.11
C SER A 105 -8.65 -41.09 -1.44
N VAL A 106 -8.49 -39.83 -1.01
CA VAL A 106 -9.55 -39.07 -0.27
C VAL A 106 -10.47 -38.33 -1.27
N VAL A 107 -9.90 -37.85 -2.38
CA VAL A 107 -10.63 -36.95 -3.31
C VAL A 107 -11.88 -37.56 -3.87
N PRO A 108 -11.89 -38.82 -4.36
CA PRO A 108 -13.10 -39.36 -4.98
C PRO A 108 -14.36 -39.38 -4.10
N GLY A 109 -14.17 -39.51 -2.80
CA GLY A 109 -15.26 -39.56 -1.80
C GLY A 109 -15.88 -38.20 -1.50
N ALA A 110 -15.18 -37.14 -1.85
CA ALA A 110 -15.51 -35.78 -1.35
C ALA A 110 -16.65 -35.14 -2.12
N VAL A 111 -17.56 -34.46 -1.42
CA VAL A 111 -18.65 -33.75 -2.11
C VAL A 111 -18.07 -32.44 -2.68
N ASN A 112 -18.46 -32.13 -3.92
CA ASN A 112 -17.98 -30.91 -4.61
C ASN A 112 -18.73 -29.69 -4.10
N ARG A 113 -17.94 -28.69 -3.68
CA ARG A 113 -18.47 -27.39 -3.24
C ARG A 113 -17.64 -26.29 -3.91
N ASP A 114 -17.37 -26.42 -5.22
CA ASP A 114 -16.67 -25.37 -5.95
C ASP A 114 -17.31 -24.00 -5.75
N LYS A 115 -16.43 -23.02 -5.56
CA LYS A 115 -16.77 -21.58 -5.32
C LYS A 115 -17.48 -21.42 -3.99
N VAL A 116 -17.57 -22.48 -3.18
CA VAL A 116 -18.25 -22.37 -1.85
C VAL A 116 -17.52 -23.24 -0.83
N THR A 117 -16.24 -23.00 -0.68
CA THR A 117 -15.47 -23.62 0.41
C THR A 117 -14.64 -22.55 1.09
N THR A 118 -13.86 -22.95 2.07
CA THR A 118 -13.29 -22.04 3.07
C THR A 118 -11.93 -21.52 2.63
N ALA A 119 -11.79 -21.02 1.41
CA ALA A 119 -10.58 -20.32 0.94
C ALA A 119 -11.02 -19.08 0.17
N TYR A 120 -10.42 -17.94 0.44
CA TYR A 120 -10.92 -16.63 0.00
C TYR A 120 -9.81 -15.76 -0.58
N ALA A 121 -10.03 -15.29 -1.79
CA ALA A 121 -9.15 -14.29 -2.40
C ALA A 121 -9.46 -12.91 -1.86
N LEU A 122 -8.45 -12.15 -1.46
CA LEU A 122 -8.64 -10.81 -0.92
C LEU A 122 -8.82 -9.88 -2.11
N PRO A 123 -9.73 -8.90 -2.01
CA PRO A 123 -10.00 -8.00 -3.12
C PRO A 123 -8.99 -6.86 -3.16
N ASP A 124 -9.15 -6.03 -4.19
CA ASP A 124 -8.27 -4.87 -4.47
C ASP A 124 -8.51 -3.72 -3.48
N ASN A 125 -9.57 -3.76 -2.69
CA ASN A 125 -10.02 -2.60 -1.89
C ASN A 125 -10.12 -3.02 -0.44
N LEU A 126 -9.42 -4.06 -0.04
CA LEU A 126 -9.33 -4.36 1.41
C LEU A 126 -7.95 -3.88 1.88
N ALA B 1 -24.65 -15.15 -2.72
CA ALA B 1 -24.76 -15.59 -1.30
C ALA B 1 -23.45 -15.26 -0.63
N ILE B 2 -23.49 -14.74 0.58
CA ILE B 2 -22.25 -14.49 1.34
C ILE B 2 -21.52 -15.83 1.59
N PHE B 3 -20.18 -15.74 1.54
CA PHE B 3 -19.19 -16.83 1.66
C PHE B 3 -18.91 -17.53 0.34
N HIS B 4 -19.69 -17.33 -0.67
CA HIS B 4 -19.38 -17.81 -2.04
C HIS B 4 -18.28 -16.91 -2.62
N THR B 5 -17.54 -17.47 -3.58
CA THR B 5 -16.52 -16.66 -4.29
C THR B 5 -17.22 -15.40 -4.84
N GLY B 6 -16.60 -14.22 -4.60
CA GLY B 6 -17.12 -12.92 -5.01
C GLY B 6 -17.92 -12.23 -3.91
N SER B 7 -18.27 -12.97 -2.85
CA SER B 7 -19.07 -12.46 -1.75
C SER B 7 -18.44 -12.91 -0.45
N GLU B 8 -17.13 -12.81 -0.39
CA GLU B 8 -16.34 -13.17 0.81
C GLU B 8 -16.68 -12.18 1.93
N LEU B 9 -16.56 -12.61 3.18
CA LEU B 9 -16.89 -11.76 4.33
C LEU B 9 -15.61 -11.18 4.91
N PHE B 10 -15.45 -9.86 4.86
CA PHE B 10 -14.29 -9.18 5.42
C PHE B 10 -14.76 -8.24 6.50
N ILE B 11 -13.92 -8.08 7.51
CA ILE B 11 -14.21 -7.12 8.62
C ILE B 11 -13.03 -6.15 8.68
N ILE B 12 -13.33 -4.91 9.05
N ILE B 12 -13.32 -4.89 8.98
CA ILE B 12 -12.32 -3.85 9.26
CA ILE B 12 -12.28 -3.87 9.27
C ILE B 12 -12.57 -3.30 10.67
C ILE B 12 -12.57 -3.33 10.67
N THR B 13 -11.53 -3.24 11.49
CA THR B 13 -11.68 -2.72 12.87
C THR B 13 -10.67 -1.63 13.11
N ARG B 14 -10.90 -0.83 14.14
CA ARG B 14 -9.90 0.15 14.57
C ARG B 14 -9.60 -0.14 16.05
N GLY B 15 -8.33 -0.21 16.37
CA GLY B 15 -7.88 -0.44 17.75
C GLY B 15 -8.01 -1.88 18.19
N PRO B 16 -7.60 -2.21 19.43
CA PRO B 16 -7.57 -3.56 19.92
C PRO B 16 -8.95 -4.06 20.33
N GLY B 17 -9.08 -5.34 20.39
CA GLY B 17 -10.33 -5.96 20.79
C GLY B 17 -10.52 -7.36 20.28
N LYS B 18 -11.65 -7.93 20.61
CA LYS B 18 -11.96 -9.31 20.24
C LYS B 18 -13.09 -9.35 19.23
N LEU B 19 -12.86 -10.02 18.11
CA LEU B 19 -13.94 -10.38 17.17
C LEU B 19 -14.41 -11.76 17.56
N THR B 20 -15.69 -11.93 17.88
CA THR B 20 -16.16 -13.22 18.39
C THR B 20 -17.15 -13.83 17.40
N LEU B 21 -16.91 -15.06 17.00
CA LEU B 21 -17.74 -15.78 16.03
C LEU B 21 -18.46 -16.93 16.72
N LEU B 22 -19.76 -16.95 16.49
CA LEU B 22 -20.65 -18.07 16.89
C LEU B 22 -21.06 -18.86 15.67
N THR B 23 -20.67 -20.08 15.60
CA THR B 23 -20.97 -21.01 14.51
C THR B 23 -22.08 -21.94 14.98
N TRP B 24 -23.23 -21.90 14.35
CA TRP B 24 -24.41 -22.61 14.92
C TRP B 24 -25.36 -23.06 13.84
N GLY B 25 -26.54 -23.60 14.20
CA GLY B 25 -27.36 -24.25 13.18
C GLY B 25 -26.65 -25.43 12.56
N GLY B 26 -25.94 -26.19 13.36
CA GLY B 26 -25.24 -27.35 12.83
C GLY B 26 -26.17 -28.48 12.44
N LEU B 27 -25.90 -29.10 11.31
CA LEU B 27 -26.54 -30.37 10.87
C LEU B 27 -26.01 -31.55 11.67
N ASN B 28 -26.51 -32.76 11.36
CA ASN B 28 -25.91 -34.01 11.92
C ASN B 28 -25.65 -33.88 13.43
N ASN B 29 -26.50 -33.20 14.20
CA ASN B 29 -26.43 -33.05 15.69
C ASN B 29 -25.16 -32.28 16.15
N LEU B 30 -24.60 -31.37 15.36
CA LEU B 30 -23.26 -30.78 15.66
C LEU B 30 -23.32 -29.68 16.72
N ARG B 31 -22.35 -29.68 17.59
CA ARG B 31 -22.34 -28.70 18.70
C ARG B 31 -21.99 -27.31 18.12
N SER B 32 -22.66 -26.26 18.62
CA SER B 32 -22.32 -24.88 18.27
C SER B 32 -20.97 -24.52 18.85
N VAL B 33 -20.23 -23.62 18.22
CA VAL B 33 -18.88 -23.24 18.66
C VAL B 33 -18.88 -21.75 18.86
N ILE B 34 -18.27 -21.23 19.90
CA ILE B 34 -18.07 -19.77 20.06
C ILE B 34 -16.59 -19.51 20.34
N GLY B 35 -16.00 -18.55 19.68
CA GLY B 35 -14.57 -18.30 19.85
C GLY B 35 -14.26 -16.85 19.62
N ALA B 36 -13.56 -16.22 20.57
CA ALA B 36 -13.10 -14.83 20.49
C ALA B 36 -11.69 -14.80 19.91
N ILE B 37 -11.44 -13.94 18.94
CA ILE B 37 -10.13 -13.77 18.28
C ILE B 37 -9.66 -12.38 18.63
N PRO B 38 -8.57 -12.26 19.42
CA PRO B 38 -8.06 -10.97 19.78
C PRO B 38 -7.16 -10.34 18.71
N THR B 39 -7.22 -9.02 18.61
CA THR B 39 -6.15 -8.21 18.00
C THR B 39 -5.64 -7.20 19.02
N GLU B 40 -4.33 -6.96 18.98
CA GLU B 40 -3.70 -5.89 19.79
C GLU B 40 -3.35 -4.66 18.96
N ASN B 41 -3.66 -4.61 17.68
CA ASN B 41 -3.27 -3.52 16.78
C ASN B 41 -3.89 -2.22 17.26
N THR B 42 -3.12 -1.13 17.23
N THR B 42 -3.15 -1.11 17.25
CA THR B 42 -3.60 0.22 17.61
CA THR B 42 -3.73 0.17 17.67
C THR B 42 -4.46 0.78 16.47
C THR B 42 -4.46 0.81 16.47
N GLY B 43 -4.12 0.42 15.24
CA GLY B 43 -4.72 1.04 14.07
C GLY B 43 -5.73 0.13 13.44
N VAL B 44 -5.77 0.11 12.11
CA VAL B 44 -6.77 -0.67 11.36
C VAL B 44 -6.32 -2.12 11.29
N THR B 45 -7.22 -3.03 11.56
CA THR B 45 -6.97 -4.44 11.29
C THR B 45 -7.98 -4.89 10.23
N LYS B 46 -7.50 -5.56 9.21
CA LYS B 46 -8.41 -6.19 8.25
C LYS B 46 -8.54 -7.67 8.60
N TRP B 47 -9.68 -8.27 8.37
CA TRP B 47 -9.97 -9.64 8.79
C TRP B 47 -10.69 -10.40 7.68
N ALA B 48 -10.45 -11.70 7.59
CA ALA B 48 -11.25 -12.58 6.76
C ALA B 48 -12.03 -13.48 7.68
N VAL B 49 -13.32 -13.53 7.52
CA VAL B 49 -14.21 -14.38 8.33
C VAL B 49 -14.75 -15.51 7.48
N SER B 50 -14.56 -16.73 7.92
CA SER B 50 -14.96 -17.93 7.17
C SER B 50 -16.11 -18.62 7.88
N PHE B 51 -16.94 -19.31 7.13
CA PHE B 51 -17.89 -20.29 7.65
C PHE B 51 -17.12 -21.58 8.00
N SER B 52 -17.86 -22.56 8.52
CA SER B 52 -17.45 -23.98 8.64
C SER B 52 -18.48 -24.81 7.91
N HIS B 53 -18.06 -25.78 7.14
CA HIS B 53 -18.97 -26.73 6.51
C HIS B 53 -19.87 -27.40 7.58
N ASN B 54 -21.10 -27.67 7.16
CA ASN B 54 -22.14 -28.42 7.93
C ASN B 54 -22.81 -27.53 8.98
N TYR B 55 -22.60 -26.21 8.94
CA TYR B 55 -23.34 -25.26 9.79
C TYR B 55 -24.15 -24.29 8.95
N THR B 56 -25.28 -23.85 9.48
CA THR B 56 -26.22 -23.04 8.70
C THR B 56 -26.38 -21.60 9.24
N ARG B 57 -25.77 -21.25 10.36
CA ARG B 57 -25.87 -19.92 10.95
C ARG B 57 -24.48 -19.46 11.43
N PHE B 58 -24.20 -18.20 11.15
CA PHE B 58 -22.92 -17.59 11.52
C PHE B 58 -23.20 -16.25 12.10
N SER B 59 -22.83 -16.02 13.34
CA SER B 59 -23.12 -14.76 14.03
C SER B 59 -21.85 -14.21 14.62
N PHE B 60 -21.68 -12.91 14.56
CA PHE B 60 -20.42 -12.34 15.09
C PHE B 60 -20.67 -10.99 15.69
N ILE B 61 -19.83 -10.65 16.64
CA ILE B 61 -19.82 -9.33 17.29
C ILE B 61 -18.37 -8.85 17.41
N TRP B 62 -18.24 -7.56 17.51
CA TRP B 62 -16.98 -6.89 17.89
C TRP B 62 -17.12 -6.43 19.33
N GLU B 63 -16.21 -6.87 20.17
CA GLU B 63 -16.18 -6.51 21.60
C GLU B 63 -15.22 -5.37 21.88
N GLY B 64 -14.45 -4.91 20.93
CA GLY B 64 -13.59 -3.74 21.11
C GLY B 64 -14.32 -2.44 21.24
N GLN B 65 -13.64 -1.40 21.70
CA GLN B 65 -14.30 -0.11 21.89
C GLN B 65 -14.25 0.74 20.64
N GLY B 66 -13.31 0.45 19.72
CA GLY B 66 -13.29 1.16 18.45
C GLY B 66 -14.31 0.63 17.42
N GLU B 67 -14.32 1.32 16.28
CA GLU B 67 -15.26 0.96 15.20
C GLU B 67 -14.96 -0.43 14.62
N ALA B 68 -15.99 -1.02 14.03
CA ALA B 68 -15.87 -2.29 13.29
C ALA B 68 -16.94 -2.33 12.22
N CYS B 69 -16.57 -2.68 11.01
CA CYS B 69 -17.51 -2.76 9.87
C CYS B 69 -17.23 -4.00 9.04
N TYR B 70 -18.22 -4.45 8.28
CA TYR B 70 -18.00 -5.55 7.34
C TYR B 70 -18.13 -5.04 5.93
N GLN B 71 -17.46 -5.75 5.04
CA GLN B 71 -17.45 -5.54 3.57
C GLN B 71 -17.69 -6.91 2.94
N ILE B 72 -18.52 -6.95 1.93
CA ILE B 72 -18.83 -8.17 1.17
C ILE B 72 -18.04 -8.15 -0.13
N GLY B 73 -17.14 -9.09 -0.31
CA GLY B 73 -16.39 -9.17 -1.57
C GLY B 73 -15.60 -7.91 -1.80
N ASN B 74 -15.53 -7.45 -3.04
CA ASN B 74 -14.87 -6.18 -3.40
C ASN B 74 -15.89 -5.04 -3.44
N GLY B 75 -17.03 -5.21 -2.80
CA GLY B 75 -18.04 -4.15 -2.66
C GLY B 75 -17.42 -2.96 -1.96
N LEU B 76 -17.94 -1.76 -2.19
CA LEU B 76 -17.35 -0.57 -1.55
C LEU B 76 -17.98 -0.36 -0.18
N THR B 77 -19.23 -0.74 0.03
CA THR B 77 -19.95 -0.41 1.28
C THR B 77 -19.27 -1.11 2.46
N ARG B 78 -19.19 -0.41 3.58
CA ARG B 78 -18.71 -0.96 4.86
C ARG B 78 -19.71 -0.58 5.93
N SER B 79 -20.33 -1.56 6.58
CA SER B 79 -21.46 -1.30 7.48
C SER B 79 -21.12 -1.81 8.87
N PRO B 80 -21.58 -1.17 9.95
CA PRO B 80 -21.20 -1.57 11.30
C PRO B 80 -21.53 -3.00 11.70
N VAL B 81 -20.60 -3.62 12.41
CA VAL B 81 -20.74 -4.98 12.98
C VAL B 81 -21.50 -4.88 14.29
N GLY B 82 -22.29 -5.87 14.63
CA GLY B 82 -23.01 -5.90 15.90
C GLY B 82 -22.06 -5.92 17.08
N ARG B 83 -22.51 -5.35 18.19
CA ARG B 83 -21.63 -5.18 19.37
C ARG B 83 -22.15 -5.94 20.59
N SER B 84 -23.23 -6.68 20.44
CA SER B 84 -23.75 -7.55 21.53
C SER B 84 -24.51 -8.69 20.90
N TRP B 85 -24.65 -9.78 21.64
CA TRP B 85 -25.30 -10.99 21.10
C TRP B 85 -26.78 -10.70 20.79
N SER B 86 -27.43 -9.82 21.54
CA SER B 86 -28.86 -9.55 21.25
C SER B 86 -29.03 -8.80 19.94
N SER B 87 -27.98 -8.14 19.45
CA SER B 87 -27.96 -7.40 18.15
C SER B 87 -26.78 -7.89 17.35
N SER B 88 -26.60 -9.18 17.24
CA SER B 88 -25.43 -9.77 16.52
C SER B 88 -25.52 -9.53 15.03
N SER B 89 -24.38 -9.46 14.34
CA SER B 89 -24.33 -9.58 12.85
C SER B 89 -24.52 -11.06 12.57
N THR B 90 -25.52 -11.41 11.79
CA THR B 90 -25.86 -12.83 11.54
C THR B 90 -26.05 -13.07 10.06
N ILE B 91 -25.53 -14.18 9.62
CA ILE B 91 -25.75 -14.70 8.24
C ILE B 91 -26.47 -16.05 8.30
N HIS B 92 -27.62 -16.16 7.67
CA HIS B 92 -28.27 -17.44 7.37
C HIS B 92 -27.65 -18.01 6.12
N TRP B 93 -27.16 -19.23 6.20
CA TRP B 93 -26.59 -19.89 5.02
C TRP B 93 -27.45 -19.74 3.78
N GLY B 94 -26.86 -19.25 2.70
CA GLY B 94 -27.61 -18.99 1.46
C GLY B 94 -27.99 -17.53 1.29
N SER B 95 -28.02 -16.74 2.34
CA SER B 95 -28.45 -15.33 2.24
C SER B 95 -27.33 -14.46 1.68
N SER B 96 -27.70 -13.37 1.01
CA SER B 96 -26.77 -12.33 0.56
C SER B 96 -26.72 -11.15 1.52
N THR B 97 -27.39 -11.26 2.68
CA THR B 97 -27.49 -10.14 3.62
C THR B 97 -27.00 -10.51 5.02
N VAL B 98 -26.23 -9.63 5.63
CA VAL B 98 -25.95 -9.70 7.07
C VAL B 98 -27.09 -9.05 7.82
N ILE B 99 -27.87 -9.80 8.58
CA ILE B 99 -28.97 -9.23 9.36
C ILE B 99 -28.54 -9.02 10.80
N THR B 100 -29.35 -8.33 11.57
CA THR B 100 -29.17 -8.19 13.01
C THR B 100 -30.10 -9.19 13.71
N GLU B 101 -29.54 -10.10 14.51
CA GLU B 101 -30.34 -11.17 15.11
C GLU B 101 -29.92 -11.41 16.55
N ASP B 102 -30.89 -11.73 17.40
CA ASP B 102 -30.62 -12.06 18.83
C ASP B 102 -30.29 -13.53 18.94
N VAL B 103 -29.04 -13.81 19.27
CA VAL B 103 -28.56 -15.21 19.42
C VAL B 103 -28.19 -15.50 20.85
N THR B 104 -28.69 -14.71 21.80
CA THR B 104 -28.39 -14.98 23.21
C THR B 104 -28.84 -16.37 23.61
N SER B 105 -29.83 -16.97 22.99
CA SER B 105 -30.31 -18.30 23.43
C SER B 105 -29.37 -19.42 22.95
N VAL B 106 -28.46 -19.11 22.03
CA VAL B 106 -27.57 -20.14 21.46
C VAL B 106 -26.26 -20.17 22.23
N VAL B 107 -25.81 -19.01 22.72
CA VAL B 107 -24.45 -18.82 23.27
C VAL B 107 -24.16 -19.80 24.40
N PRO B 108 -25.03 -19.99 25.41
CA PRO B 108 -24.60 -20.82 26.55
C PRO B 108 -24.27 -22.27 26.21
N GLY B 109 -24.88 -22.84 25.19
CA GLY B 109 -24.67 -24.22 24.75
C GLY B 109 -23.45 -24.39 23.87
N ALA B 110 -22.79 -23.30 23.49
CA ALA B 110 -21.71 -23.44 22.49
C ALA B 110 -20.44 -23.86 23.22
N VAL B 111 -19.60 -24.61 22.54
CA VAL B 111 -18.27 -24.97 23.12
C VAL B 111 -17.31 -23.84 22.86
N ASN B 112 -16.52 -23.45 23.83
CA ASN B 112 -15.58 -22.33 23.75
C ASN B 112 -14.33 -22.75 22.96
N ARG B 113 -14.00 -22.02 21.91
CA ARG B 113 -12.82 -22.25 21.04
C ARG B 113 -12.08 -20.91 20.87
N ASP B 114 -11.90 -20.15 21.93
CA ASP B 114 -11.15 -18.89 21.92
C ASP B 114 -9.75 -19.07 21.27
N LYS B 115 -9.41 -18.15 20.38
CA LYS B 115 -8.15 -18.14 19.59
C LYS B 115 -8.11 -19.28 18.59
N VAL B 116 -9.12 -20.07 18.37
CA VAL B 116 -9.10 -21.20 17.42
C VAL B 116 -10.46 -21.34 16.79
N THR B 117 -10.95 -20.26 16.18
CA THR B 117 -12.13 -20.38 15.30
C THR B 117 -11.81 -19.70 13.97
N THR B 118 -12.84 -19.61 13.15
CA THR B 118 -12.64 -19.35 11.70
C THR B 118 -12.72 -17.85 11.38
N ALA B 119 -12.03 -17.00 12.14
CA ALA B 119 -11.90 -15.58 11.87
C ALA B 119 -10.43 -15.22 12.00
N TYR B 120 -9.87 -14.48 11.07
CA TYR B 120 -8.42 -14.33 10.98
C TYR B 120 -8.07 -12.90 10.71
N ALA B 121 -7.15 -12.31 11.52
CA ALA B 121 -6.62 -10.98 11.27
C ALA B 121 -5.52 -11.04 10.23
N LEU B 122 -5.57 -10.17 9.25
CA LEU B 122 -4.51 -10.19 8.21
C LEU B 122 -3.28 -9.53 8.81
N PRO B 123 -2.05 -10.00 8.47
CA PRO B 123 -0.86 -9.36 9.01
C PRO B 123 -0.38 -8.18 8.19
N ASP B 124 0.63 -7.50 8.73
CA ASP B 124 1.27 -6.31 8.13
C ASP B 124 2.06 -6.63 6.85
N ASN B 125 2.35 -7.89 6.58
CA ASN B 125 3.22 -8.31 5.45
C ASN B 125 2.44 -9.29 4.56
N LEU B 126 1.18 -8.99 4.30
CA LEU B 126 0.45 -9.67 3.22
C LEU B 126 -0.08 -8.57 2.29
N ALA C 1 26.43 12.13 2.37
CA ALA C 1 26.94 11.82 1.00
C ALA C 1 25.99 10.83 0.38
N ILE C 2 25.68 11.00 -0.89
CA ILE C 2 24.74 10.05 -1.54
C ILE C 2 25.40 8.67 -1.52
N PHE C 3 24.58 7.66 -1.37
CA PHE C 3 24.90 6.21 -1.31
C PHE C 3 25.28 5.77 0.09
N HIS C 4 25.46 6.71 1.04
CA HIS C 4 25.52 6.33 2.45
C HIS C 4 24.15 5.93 2.96
N THR C 5 24.08 5.13 4.00
CA THR C 5 22.80 4.86 4.71
C THR C 5 22.16 6.21 5.04
N GLY C 6 20.87 6.32 4.76
CA GLY C 6 20.12 7.59 4.96
C GLY C 6 20.12 8.46 3.71
N SER C 7 20.99 8.16 2.73
CA SER C 7 21.06 9.00 1.50
C SER C 7 21.10 8.08 0.26
N GLU C 8 20.30 7.04 0.27
CA GLU C 8 20.19 6.00 -0.81
C GLU C 8 19.62 6.67 -2.06
N LEU C 9 20.07 6.22 -3.23
CA LEU C 9 19.63 6.86 -4.50
C LEU C 9 18.45 6.07 -5.07
N PHE C 10 17.29 6.72 -5.17
CA PHE C 10 16.10 6.08 -5.74
C PHE C 10 15.67 6.91 -6.96
N ILE C 11 15.12 6.23 -7.92
CA ILE C 11 14.53 6.89 -9.12
C ILE C 11 13.05 6.50 -9.22
N ILE C 12 12.24 7.40 -9.75
CA ILE C 12 10.80 7.12 -10.00
C ILE C 12 10.54 7.52 -11.47
N THR C 13 10.01 6.59 -12.24
CA THR C 13 9.73 6.90 -13.67
C THR C 13 8.26 6.60 -13.95
N ARG C 14 7.76 7.19 -15.06
CA ARG C 14 6.42 6.86 -15.54
C ARG C 14 6.49 6.31 -16.98
N GLY C 15 5.85 5.19 -17.17
CA GLY C 15 5.80 4.57 -18.52
C GLY C 15 7.04 3.80 -18.86
N PRO C 16 7.04 3.18 -20.06
CA PRO C 16 8.17 2.35 -20.43
C PRO C 16 9.39 3.18 -20.83
N GLY C 17 10.54 2.57 -20.68
CA GLY C 17 11.80 3.24 -21.07
C GLY C 17 12.97 2.48 -20.52
N LYS C 18 14.14 3.06 -20.63
CA LYS C 18 15.37 2.43 -20.12
C LYS C 18 16.10 3.47 -19.29
N LEU C 19 16.56 2.98 -18.12
CA LEU C 19 17.46 3.76 -17.24
C LEU C 19 18.86 3.22 -17.49
N THR C 20 19.82 4.05 -17.88
CA THR C 20 21.20 3.59 -18.11
C THR C 20 22.12 4.23 -17.08
N LEU C 21 22.97 3.36 -16.53
CA LEU C 21 24.02 3.75 -15.56
C LEU C 21 25.41 3.57 -16.19
N LEU C 22 26.22 4.63 -16.07
CA LEU C 22 27.65 4.70 -16.40
C LEU C 22 28.43 4.72 -15.07
N THR C 23 29.18 3.69 -14.81
CA THR C 23 30.10 3.56 -13.65
C THR C 23 31.50 3.88 -14.17
N TRP C 24 32.14 4.94 -13.67
CA TRP C 24 33.44 5.35 -14.23
C TRP C 24 34.36 5.99 -13.21
N GLY C 25 35.52 6.51 -13.62
CA GLY C 25 36.44 7.06 -12.60
C GLY C 25 36.95 5.92 -11.75
N GLY C 26 37.12 4.74 -12.35
CA GLY C 26 37.59 3.58 -11.59
C GLY C 26 39.02 3.74 -11.11
N LEU C 27 39.29 3.31 -9.89
CA LEU C 27 40.69 3.26 -9.40
C LEU C 27 41.45 2.12 -10.08
N ASN C 28 42.82 2.15 -10.11
CA ASN C 28 43.66 1.01 -10.57
C ASN C 28 43.31 0.57 -12.01
N ASN C 29 42.94 1.54 -12.83
CA ASN C 29 42.55 1.36 -14.25
C ASN C 29 41.40 0.36 -14.43
N LEU C 30 40.46 0.33 -13.49
CA LEU C 30 39.26 -0.50 -13.67
C LEU C 30 38.44 0.06 -14.82
N ARG C 31 37.93 -0.86 -15.66
CA ARG C 31 37.22 -0.39 -16.86
C ARG C 31 35.84 0.18 -16.50
N SER C 32 35.47 1.26 -17.13
CA SER C 32 34.14 1.90 -17.00
C SER C 32 33.08 0.93 -17.49
N VAL C 33 31.91 0.96 -16.89
CA VAL C 33 30.81 0.07 -17.27
C VAL C 33 29.60 0.93 -17.64
N ILE C 34 28.88 0.52 -18.69
CA ILE C 34 27.60 1.15 -19.09
C ILE C 34 26.56 0.05 -19.27
N GLY C 35 25.40 0.20 -18.65
CA GLY C 35 24.32 -0.77 -18.82
C GLY C 35 22.98 -0.14 -18.72
N ALA C 36 22.17 -0.45 -19.72
CA ALA C 36 20.75 -0.06 -19.80
C ALA C 36 19.86 -1.11 -19.16
N ILE C 37 18.96 -0.62 -18.30
CA ILE C 37 17.91 -1.44 -17.63
C ILE C 37 16.55 -1.02 -18.14
N PRO C 38 15.84 -1.89 -18.89
CA PRO C 38 14.54 -1.54 -19.40
C PRO C 38 13.42 -1.80 -18.38
N THR C 39 12.35 -1.03 -18.52
CA THR C 39 11.02 -1.36 -17.93
C THR C 39 9.98 -1.28 -19.04
N GLU C 40 8.98 -2.14 -18.99
CA GLU C 40 7.79 -2.07 -19.84
C GLU C 40 6.57 -1.60 -19.04
N ASN C 41 6.75 -1.22 -17.79
CA ASN C 41 5.57 -0.83 -16.99
C ASN C 41 4.88 0.38 -17.64
N THR C 42 3.55 0.40 -17.67
CA THR C 42 2.78 1.54 -18.21
C THR C 42 2.65 2.62 -17.17
N GLY C 43 2.72 2.23 -15.92
CA GLY C 43 2.60 3.22 -14.83
C GLY C 43 3.93 3.59 -14.19
N VAL C 44 3.90 3.81 -12.87
CA VAL C 44 5.10 4.29 -12.12
C VAL C 44 5.99 3.09 -11.76
N THR C 45 7.27 3.20 -12.06
CA THR C 45 8.30 2.24 -11.62
C THR C 45 9.19 2.95 -10.59
N LYS C 46 9.51 2.19 -9.52
CA LYS C 46 10.43 2.69 -8.49
C LYS C 46 11.73 1.91 -8.68
N TRP C 47 12.84 2.60 -8.52
CA TRP C 47 14.18 2.03 -8.78
C TRP C 47 15.10 2.31 -7.61
N ALA C 48 15.94 1.33 -7.31
CA ALA C 48 17.09 1.52 -6.43
C ALA C 48 18.35 1.51 -7.29
N VAL C 49 19.13 2.55 -7.18
CA VAL C 49 20.41 2.69 -7.93
C VAL C 49 21.54 2.57 -6.94
N SER C 50 22.42 1.63 -7.19
CA SER C 50 23.62 1.38 -6.35
C SER C 50 24.86 1.91 -7.07
N PHE C 51 25.85 2.24 -6.27
CA PHE C 51 27.24 2.44 -6.74
C PHE C 51 27.93 1.06 -6.79
N SER C 52 29.17 1.04 -7.28
CA SER C 52 30.10 -0.10 -7.19
C SER C 52 31.30 0.37 -6.40
N HIS C 53 31.81 -0.47 -5.52
CA HIS C 53 33.07 -0.11 -4.85
C HIS C 53 34.18 0.13 -5.87
N ASN C 54 35.10 1.00 -5.54
CA ASN C 54 36.35 1.28 -6.31
C ASN C 54 36.11 2.22 -7.50
N TYR C 55 34.93 2.83 -7.57
CA TYR C 55 34.66 3.86 -8.61
C TYR C 55 34.34 5.18 -7.97
N THR C 56 34.69 6.28 -8.64
CA THR C 56 34.54 7.64 -8.08
C THR C 56 33.46 8.41 -8.83
N ARG C 57 32.88 7.88 -9.92
CA ARG C 57 31.89 8.64 -10.71
C ARG C 57 30.72 7.75 -11.10
N PHE C 58 29.51 8.26 -10.95
CA PHE C 58 28.29 7.50 -11.31
C PHE C 58 27.39 8.44 -12.09
N SER C 59 27.04 8.11 -13.34
CA SER C 59 26.20 9.00 -14.16
C SER C 59 25.03 8.19 -14.70
N PHE C 60 23.86 8.78 -14.84
CA PHE C 60 22.69 8.03 -15.32
C PHE C 60 21.76 8.92 -16.10
N ILE C 61 21.07 8.28 -17.03
CA ILE C 61 20.06 8.98 -17.84
C ILE C 61 18.81 8.12 -17.96
N TRP C 62 17.70 8.76 -18.27
CA TRP C 62 16.45 8.02 -18.57
C TRP C 62 16.10 8.27 -20.05
N GLU C 63 15.82 7.22 -20.78
CA GLU C 63 15.33 7.37 -22.16
C GLU C 63 13.93 6.81 -22.16
N GLY C 64 12.98 7.70 -22.30
CA GLY C 64 11.55 7.34 -22.34
C GLY C 64 10.69 8.54 -22.56
N GLN C 65 9.44 8.29 -22.94
N GLN C 65 9.44 8.36 -22.97
CA GLN C 65 8.46 9.36 -23.25
CA GLN C 65 8.57 9.52 -23.24
C GLN C 65 8.11 10.09 -21.94
C GLN C 65 8.11 10.13 -21.91
N GLY C 66 8.03 9.31 -20.86
CA GLY C 66 7.48 9.76 -19.58
C GLY C 66 8.55 10.36 -18.69
N GLU C 67 8.05 10.93 -17.59
CA GLU C 67 8.91 11.65 -16.63
C GLU C 67 9.82 10.68 -15.86
N ALA C 68 10.92 11.24 -15.39
CA ALA C 68 11.83 10.52 -14.48
C ALA C 68 12.37 11.52 -13.48
N CYS C 69 12.37 11.09 -12.21
CA CYS C 69 12.83 11.92 -11.05
C CYS C 69 13.75 11.08 -10.16
N TYR C 70 14.64 11.74 -9.41
CA TYR C 70 15.37 11.01 -8.34
C TYR C 70 14.97 11.60 -6.98
N GLN C 71 15.14 10.78 -5.96
CA GLN C 71 14.88 11.07 -4.53
C GLN C 71 16.08 10.51 -3.75
N ILE C 72 16.52 11.29 -2.78
CA ILE C 72 17.68 10.90 -1.92
C ILE C 72 17.15 10.41 -0.57
N GLY C 73 17.40 9.15 -0.27
CA GLY C 73 16.92 8.52 0.97
C GLY C 73 15.42 8.62 1.11
N ASN C 74 14.95 8.99 2.30
CA ASN C 74 13.49 9.15 2.55
C ASN C 74 13.13 10.63 2.41
N GLY C 75 13.99 11.44 1.80
CA GLY C 75 13.69 12.84 1.48
C GLY C 75 12.47 12.94 0.59
N LEU C 76 11.77 14.06 0.71
CA LEU C 76 10.49 14.21 -0.02
C LEU C 76 10.72 14.76 -1.42
N THR C 77 11.76 15.51 -1.67
CA THR C 77 12.01 16.18 -2.95
C THR C 77 12.24 15.11 -4.02
N ARG C 78 11.65 15.32 -5.18
CA ARG C 78 11.88 14.52 -6.41
C ARG C 78 12.17 15.49 -7.55
N SER C 79 13.33 15.34 -8.18
CA SER C 79 13.89 16.28 -9.14
C SER C 79 14.26 15.55 -10.42
N PRO C 80 14.20 16.23 -11.59
CA PRO C 80 14.38 15.51 -12.87
C PRO C 80 15.75 14.89 -13.10
N VAL C 81 15.74 13.72 -13.73
CA VAL C 81 16.92 12.95 -14.18
C VAL C 81 17.31 13.41 -15.59
N GLY C 82 18.60 13.40 -15.90
CA GLY C 82 19.15 13.71 -17.24
C GLY C 82 18.64 12.75 -18.30
N ARG C 83 18.61 13.23 -19.56
CA ARG C 83 17.99 12.43 -20.67
C ARG C 83 18.98 12.18 -21.79
N SER C 84 20.21 12.62 -21.66
CA SER C 84 21.27 12.28 -22.62
C SER C 84 22.64 12.42 -21.95
N TRP C 85 23.66 11.76 -22.50
CA TRP C 85 24.98 11.75 -21.83
C TRP C 85 25.59 13.13 -21.75
N SER C 86 25.35 14.03 -22.71
CA SER C 86 25.84 15.42 -22.66
C SER C 86 25.21 16.19 -21.49
N SER C 87 24.09 15.73 -20.93
CA SER C 87 23.40 16.34 -19.78
C SER C 87 23.03 15.28 -18.72
N SER C 88 23.98 14.42 -18.36
CA SER C 88 23.71 13.28 -17.46
C SER C 88 23.44 13.76 -16.05
N SER C 89 22.66 13.00 -15.30
CA SER C 89 22.67 13.07 -13.81
C SER C 89 23.97 12.43 -13.31
N THR C 90 24.79 13.15 -12.56
CA THR C 90 26.13 12.62 -12.18
C THR C 90 26.31 12.81 -10.67
N ILE C 91 26.89 11.81 -10.05
CA ILE C 91 27.33 11.85 -8.63
C ILE C 91 28.86 11.66 -8.60
N HIS C 92 29.56 12.65 -8.02
CA HIS C 92 30.97 12.55 -7.64
C HIS C 92 31.03 11.87 -6.28
N TRP C 93 31.75 10.76 -6.18
CA TRP C 93 31.85 10.00 -4.91
C TRP C 93 32.15 10.99 -3.77
N GLY C 94 31.34 10.94 -2.72
CA GLY C 94 31.47 11.76 -1.51
C GLY C 94 30.57 12.95 -1.52
N SER C 95 30.00 13.31 -2.67
CA SER C 95 29.12 14.49 -2.80
C SER C 95 27.73 14.16 -2.25
N SER C 96 27.04 15.16 -1.74
CA SER C 96 25.65 15.01 -1.26
C SER C 96 24.66 15.44 -2.33
N THR C 97 25.10 15.89 -3.51
CA THR C 97 24.18 16.37 -4.57
C THR C 97 24.40 15.63 -5.88
N VAL C 98 23.35 15.61 -6.70
CA VAL C 98 23.35 15.14 -8.10
C VAL C 98 23.55 16.36 -8.99
N ILE C 99 24.59 16.34 -9.84
CA ILE C 99 24.99 17.45 -10.75
C ILE C 99 24.72 17.02 -12.20
N THR C 100 24.66 18.00 -13.11
CA THR C 100 24.57 17.72 -14.54
C THR C 100 26.00 17.68 -15.10
N GLU C 101 26.36 16.62 -15.83
CA GLU C 101 27.73 16.53 -16.35
C GLU C 101 27.64 15.90 -17.74
N ASP C 102 28.42 16.41 -18.68
CA ASP C 102 28.63 15.82 -20.02
C ASP C 102 29.71 14.74 -19.89
N VAL C 103 29.30 13.48 -19.99
CA VAL C 103 30.21 12.30 -19.92
C VAL C 103 30.28 11.62 -21.28
N THR C 104 29.98 12.32 -22.39
CA THR C 104 30.09 11.75 -23.76
C THR C 104 31.50 11.25 -24.01
N SER C 105 32.54 11.86 -23.42
CA SER C 105 33.93 11.38 -23.66
C SER C 105 34.19 10.04 -22.97
N VAL C 106 33.40 9.66 -21.92
CA VAL C 106 33.63 8.46 -21.07
C VAL C 106 32.91 7.23 -21.66
N VAL C 107 31.79 7.49 -22.31
CA VAL C 107 30.86 6.45 -22.79
C VAL C 107 31.55 5.50 -23.78
N PRO C 108 32.38 5.96 -24.74
CA PRO C 108 32.97 5.00 -25.69
C PRO C 108 33.86 3.91 -25.09
N GLY C 109 34.58 4.21 -24.02
CA GLY C 109 35.56 3.31 -23.43
C GLY C 109 34.89 2.27 -22.56
N ALA C 110 33.62 2.48 -22.27
CA ALA C 110 32.95 1.61 -21.27
C ALA C 110 32.62 0.24 -21.87
N VAL C 111 32.64 -0.77 -21.04
CA VAL C 111 32.13 -2.11 -21.44
C VAL C 111 30.61 -2.14 -21.25
N ASN C 112 29.91 -2.64 -22.25
CA ASN C 112 28.43 -2.77 -22.21
C ASN C 112 28.05 -3.97 -21.33
N ARG C 113 27.28 -3.67 -20.29
CA ARG C 113 26.68 -4.67 -19.39
C ARG C 113 25.17 -4.39 -19.27
N ASP C 114 24.49 -4.31 -20.40
CA ASP C 114 23.04 -4.12 -20.42
C ASP C 114 22.38 -5.26 -19.63
N LYS C 115 21.37 -4.86 -18.83
CA LYS C 115 20.57 -5.79 -18.00
C LYS C 115 21.40 -6.43 -16.88
N VAL C 116 22.64 -5.99 -16.66
CA VAL C 116 23.51 -6.57 -15.60
C VAL C 116 24.37 -5.43 -15.03
N THR C 117 23.76 -4.32 -14.62
CA THR C 117 24.48 -3.29 -13.85
C THR C 117 23.67 -2.97 -12.59
N THR C 118 24.12 -1.98 -11.85
CA THR C 118 23.69 -1.85 -10.44
C THR C 118 22.54 -0.88 -10.29
N ALA C 119 21.48 -1.05 -11.08
CA ALA C 119 20.20 -0.33 -11.00
C ALA C 119 19.09 -1.33 -11.17
N TYR C 120 18.09 -1.24 -10.31
CA TYR C 120 17.09 -2.30 -10.16
C TYR C 120 15.70 -1.68 -10.05
N ALA C 121 14.79 -2.17 -10.87
CA ALA C 121 13.35 -1.90 -10.76
C ALA C 121 12.78 -2.72 -9.63
N LEU C 122 11.97 -2.08 -8.80
CA LEU C 122 11.33 -2.79 -7.67
C LEU C 122 10.08 -3.47 -8.22
N PRO C 123 9.82 -4.71 -7.79
CA PRO C 123 8.68 -5.47 -8.28
C PRO C 123 7.38 -5.10 -7.57
N ASP C 124 6.29 -5.67 -8.08
N ASP C 124 6.30 -5.68 -8.08
CA ASP C 124 4.89 -5.43 -7.63
CA ASP C 124 4.89 -5.47 -7.66
C ASP C 124 4.68 -6.05 -6.22
C ASP C 124 4.66 -6.09 -6.27
N ASN C 125 5.53 -6.98 -5.81
CA ASN C 125 5.27 -7.82 -4.61
C ASN C 125 6.38 -7.67 -3.57
N LEU C 126 7.06 -6.54 -3.55
CA LEU C 126 7.95 -6.23 -2.41
C LEU C 126 7.28 -5.20 -1.50
N ALA D 1 20.31 -15.63 -13.76
CA ALA D 1 21.41 -15.33 -12.86
C ALA D 1 20.97 -14.19 -11.95
N ILE D 2 21.21 -14.34 -10.65
CA ILE D 2 20.93 -13.28 -9.68
C ILE D 2 21.70 -12.03 -10.04
N PHE D 3 21.06 -10.90 -9.87
CA PHE D 3 21.57 -9.55 -10.14
C PHE D 3 21.29 -9.14 -11.57
N HIS D 4 20.91 -10.05 -12.45
CA HIS D 4 20.44 -9.63 -13.79
C HIS D 4 19.05 -9.04 -13.67
N THR D 5 18.69 -8.16 -14.58
CA THR D 5 17.30 -7.68 -14.64
C THR D 5 16.37 -8.87 -14.57
N GLY D 6 15.32 -8.78 -13.72
CA GLY D 6 14.36 -9.86 -13.54
C GLY D 6 14.72 -10.80 -12.39
N SER D 7 15.96 -10.72 -11.92
CA SER D 7 16.45 -11.62 -10.83
C SER D 7 17.17 -10.76 -9.77
N GLU D 8 16.62 -9.65 -9.46
CA GLU D 8 17.19 -8.67 -8.51
C GLU D 8 17.14 -9.27 -7.09
N LEU D 9 18.07 -8.89 -6.20
CA LEU D 9 18.15 -9.48 -4.83
C LEU D 9 17.47 -8.56 -3.82
N PHE D 10 16.36 -9.03 -3.26
CA PHE D 10 15.63 -8.25 -2.24
C PHE D 10 15.67 -9.03 -0.95
N ILE D 11 15.65 -8.24 0.15
CA ILE D 11 15.57 -8.82 1.52
C ILE D 11 14.38 -8.20 2.24
N ILE D 12 13.76 -9.01 3.08
CA ILE D 12 12.68 -8.55 3.97
C ILE D 12 13.09 -8.95 5.39
N THR D 13 13.02 -7.99 6.28
CA THR D 13 13.39 -8.21 7.70
C THR D 13 12.25 -7.75 8.61
N ARG D 14 12.28 -8.29 9.85
CA ARG D 14 11.34 -7.77 10.89
C ARG D 14 12.14 -7.31 12.10
N GLY D 15 11.86 -6.11 12.50
CA GLY D 15 12.44 -5.54 13.72
C GLY D 15 13.80 -4.97 13.45
N PRO D 16 14.40 -4.36 14.48
CA PRO D 16 15.66 -3.68 14.27
C PRO D 16 16.82 -4.69 14.17
N GLY D 17 17.91 -4.21 13.52
CA GLY D 17 19.07 -5.09 13.38
C GLY D 17 19.97 -4.58 12.31
N LYS D 18 20.96 -5.37 11.93
CA LYS D 18 21.85 -4.94 10.83
C LYS D 18 21.98 -6.03 9.79
N LEU D 19 21.96 -5.58 8.55
CA LEU D 19 22.27 -6.48 7.42
C LEU D 19 23.73 -6.19 7.03
N THR D 20 24.53 -7.22 6.97
CA THR D 20 25.96 -6.98 6.62
C THR D 20 26.24 -7.67 5.27
N LEU D 21 26.90 -6.92 4.39
CA LEU D 21 27.32 -7.46 3.08
C LEU D 21 28.84 -7.55 3.04
N LEU D 22 29.31 -8.68 2.59
CA LEU D 22 30.74 -8.95 2.28
C LEU D 22 30.87 -9.12 0.77
N THR D 23 31.61 -8.23 0.16
CA THR D 23 31.88 -8.20 -1.29
C THR D 23 33.28 -8.77 -1.48
N TRP D 24 33.44 -9.89 -2.13
CA TRP D 24 34.77 -10.54 -2.22
C TRP D 24 34.93 -11.29 -3.51
N GLY D 25 35.97 -12.08 -3.64
CA GLY D 25 36.22 -12.68 -4.97
C GLY D 25 36.59 -11.62 -5.96
N GLY D 26 37.28 -10.58 -5.54
CA GLY D 26 37.59 -9.48 -6.44
C GLY D 26 38.57 -9.90 -7.52
N LEU D 27 38.29 -9.44 -8.72
CA LEU D 27 39.24 -9.52 -9.86
C LEU D 27 40.25 -8.40 -9.69
N ASN D 28 41.28 -8.42 -10.52
CA ASN D 28 42.22 -7.27 -10.58
C ASN D 28 42.82 -7.04 -9.17
N ASN D 29 43.02 -8.09 -8.38
CA ASN D 29 43.63 -7.96 -7.03
C ASN D 29 42.85 -7.01 -6.12
N LEU D 30 41.54 -6.86 -6.28
CA LEU D 30 40.76 -5.94 -5.42
C LEU D 30 40.53 -6.51 -4.02
N ARG D 31 40.65 -5.63 -3.07
CA ARG D 31 40.43 -5.97 -1.65
C ARG D 31 38.95 -6.30 -1.41
N SER D 32 38.71 -7.22 -0.52
CA SER D 32 37.34 -7.54 -0.07
C SER D 32 36.80 -6.40 0.79
N VAL D 33 35.47 -6.19 0.79
CA VAL D 33 34.80 -5.08 1.47
C VAL D 33 33.74 -5.67 2.37
N ILE D 34 33.58 -5.17 3.58
CA ILE D 34 32.48 -5.61 4.48
C ILE D 34 31.83 -4.37 5.00
N GLY D 35 30.50 -4.38 5.08
CA GLY D 35 29.82 -3.20 5.63
C GLY D 35 28.47 -3.58 6.20
N ALA D 36 28.19 -3.13 7.42
CA ALA D 36 26.91 -3.34 8.10
C ALA D 36 26.01 -2.14 7.87
N ILE D 37 24.76 -2.47 7.55
CA ILE D 37 23.71 -1.48 7.35
C ILE D 37 22.64 -1.65 8.40
N PRO D 38 22.55 -0.73 9.37
CA PRO D 38 21.51 -0.91 10.39
C PRO D 38 20.12 -0.41 9.97
N THR D 39 19.10 -0.99 10.62
CA THR D 39 17.73 -0.40 10.66
C THR D 39 17.29 -0.27 12.13
N GLU D 40 16.59 0.82 12.42
CA GLU D 40 15.88 1.09 13.72
C GLU D 40 14.40 0.67 13.59
N ASN D 41 13.94 0.20 12.42
CA ASN D 41 12.48 0.00 12.21
C ASN D 41 11.98 -1.10 13.16
N THR D 42 10.77 -0.95 13.72
CA THR D 42 10.19 -1.96 14.63
C THR D 42 9.43 -3.04 13.83
N GLY D 43 9.03 -2.68 12.62
CA GLY D 43 8.22 -3.58 11.78
C GLY D 43 9.03 -4.11 10.62
N VAL D 44 8.38 -4.22 9.47
CA VAL D 44 9.00 -4.88 8.30
C VAL D 44 9.84 -3.83 7.57
N THR D 45 11.06 -4.22 7.19
CA THR D 45 11.91 -3.40 6.32
C THR D 45 12.16 -4.20 5.06
N LYS D 46 12.05 -3.50 3.93
CA LYS D 46 12.39 -4.12 2.61
C LYS D 46 13.73 -3.55 2.20
N TRP D 47 14.57 -4.37 1.53
CA TRP D 47 15.94 -3.99 1.15
C TRP D 47 16.21 -4.38 -0.30
N ALA D 48 17.02 -3.57 -0.94
CA ALA D 48 17.64 -3.93 -2.22
C ALA D 48 19.12 -4.18 -1.93
N VAL D 49 19.62 -5.30 -2.37
CA VAL D 49 21.06 -5.65 -2.24
C VAL D 49 21.63 -5.67 -3.66
N SER D 50 22.63 -4.87 -3.86
CA SER D 50 23.36 -4.78 -5.15
C SER D 50 24.72 -5.44 -5.06
N PHE D 51 25.20 -5.93 -6.19
CA PHE D 51 26.61 -6.31 -6.35
C PHE D 51 27.43 -5.02 -6.56
N SER D 52 28.75 -5.22 -6.68
CA SER D 52 29.75 -4.25 -7.20
C SER D 52 30.37 -4.89 -8.44
N HIS D 53 30.52 -4.11 -9.49
CA HIS D 53 31.31 -4.62 -10.64
C HIS D 53 32.71 -5.06 -10.20
N ASN D 54 33.23 -6.05 -10.89
CA ASN D 54 34.60 -6.59 -10.76
C ASN D 54 34.71 -7.50 -9.54
N TYR D 55 33.62 -7.87 -8.87
CA TYR D 55 33.67 -8.89 -7.78
C TYR D 55 32.82 -10.11 -8.14
N THR D 56 33.19 -11.26 -7.62
CA THR D 56 32.57 -12.53 -8.04
C THR D 56 31.88 -13.22 -6.88
N ARG D 57 31.93 -12.69 -5.65
CA ARG D 57 31.35 -13.34 -4.51
C ARG D 57 30.62 -12.29 -3.69
N PHE D 58 29.40 -12.62 -3.27
CA PHE D 58 28.60 -11.71 -2.45
C PHE D 58 27.97 -12.50 -1.33
N SER D 59 28.31 -12.15 -0.10
CA SER D 59 27.87 -12.92 1.09
C SER D 59 27.20 -11.98 2.06
N PHE D 60 26.06 -12.38 2.66
CA PHE D 60 25.32 -11.46 3.55
C PHE D 60 24.71 -12.26 4.69
N ILE D 61 24.61 -11.53 5.80
CA ILE D 61 23.94 -12.02 7.05
C ILE D 61 23.04 -10.94 7.63
N TRP D 62 22.03 -11.44 8.37
CA TRP D 62 21.20 -10.56 9.23
C TRP D 62 21.52 -10.89 10.70
N GLU D 63 21.77 -9.83 11.43
CA GLU D 63 21.96 -9.90 12.90
C GLU D 63 20.86 -9.06 13.55
N GLY D 64 19.90 -9.78 14.08
CA GLY D 64 18.72 -9.18 14.72
C GLY D 64 17.94 -10.30 15.37
N GLN D 65 17.12 -9.94 16.33
CA GLN D 65 16.26 -10.94 17.00
C GLN D 65 15.25 -11.46 15.97
N GLY D 66 14.82 -10.60 15.04
CA GLY D 66 13.70 -10.92 14.15
C GLY D 66 14.10 -11.68 12.92
N GLU D 67 13.10 -12.15 12.19
CA GLU D 67 13.32 -12.94 10.97
C GLU D 67 13.93 -12.05 9.85
N ALA D 68 14.47 -12.76 8.87
CA ALA D 68 15.00 -12.14 7.63
C ALA D 68 14.98 -13.18 6.53
N CYS D 69 14.41 -12.81 5.39
CA CYS D 69 14.28 -13.64 4.19
C CYS D 69 14.72 -12.91 2.94
N TYR D 70 15.10 -13.66 1.92
CA TYR D 70 15.39 -13.06 0.60
C TYR D 70 14.32 -13.51 -0.40
N GLN D 71 14.16 -12.68 -1.40
CA GLN D 71 13.26 -12.91 -2.55
C GLN D 71 14.08 -12.54 -3.80
N ILE D 72 13.93 -13.32 -4.88
CA ILE D 72 14.64 -13.04 -6.14
C ILE D 72 13.63 -12.47 -7.14
N GLY D 73 13.88 -11.24 -7.57
CA GLY D 73 12.99 -10.56 -8.54
C GLY D 73 11.58 -10.48 -8.01
N ASN D 74 10.60 -10.72 -8.87
CA ASN D 74 9.18 -10.74 -8.45
C ASN D 74 8.74 -12.14 -8.11
N GLY D 75 9.62 -13.07 -7.81
CA GLY D 75 9.26 -14.41 -7.33
C GLY D 75 8.50 -14.36 -6.04
N LEU D 76 7.72 -15.40 -5.78
CA LEU D 76 6.86 -15.39 -4.58
C LEU D 76 7.67 -15.95 -3.41
N THR D 77 8.57 -16.90 -3.64
CA THR D 77 9.28 -17.59 -2.56
C THR D 77 10.09 -16.59 -1.74
N ARG D 78 10.09 -16.77 -0.43
CA ARG D 78 10.93 -15.99 0.47
C ARG D 78 11.60 -17.00 1.38
N SER D 79 12.95 -17.01 1.44
CA SER D 79 13.71 -18.06 2.16
C SER D 79 14.66 -17.40 3.15
N PRO D 80 14.93 -18.04 4.32
CA PRO D 80 15.79 -17.39 5.32
C PRO D 80 17.23 -17.01 4.92
N VAL D 81 17.58 -15.84 5.37
CA VAL D 81 18.96 -15.26 5.29
C VAL D 81 19.83 -15.92 6.37
N GLY D 82 21.10 -16.10 6.04
CA GLY D 82 22.10 -16.59 7.03
C GLY D 82 22.26 -15.63 8.19
N ARG D 83 22.61 -16.18 9.36
CA ARG D 83 22.63 -15.35 10.59
C ARG D 83 24.04 -15.29 11.16
N SER D 84 25.01 -15.87 10.49
CA SER D 84 26.42 -15.76 10.93
C SER D 84 27.32 -16.05 9.76
N TRP D 85 28.54 -15.51 9.80
CA TRP D 85 29.45 -15.66 8.65
C TRP D 85 29.80 -17.10 8.35
N SER D 86 29.77 -18.01 9.31
CA SER D 86 29.99 -19.44 9.08
C SER D 86 28.81 -20.09 8.33
N SER D 87 27.65 -19.42 8.31
CA SER D 87 26.43 -19.87 7.60
C SER D 87 25.89 -18.80 6.69
N SER D 88 26.75 -18.03 6.02
CA SER D 88 26.30 -16.83 5.30
C SER D 88 25.39 -17.21 4.14
N SER D 89 24.51 -16.29 3.73
CA SER D 89 23.88 -16.43 2.40
C SER D 89 24.95 -16.00 1.38
N THR D 90 25.21 -16.80 0.35
CA THR D 90 26.33 -16.45 -0.59
C THR D 90 25.78 -16.56 -2.01
N ILE D 91 26.21 -15.66 -2.85
CA ILE D 91 25.97 -15.74 -4.30
C ILE D 91 27.32 -15.80 -4.98
N HIS D 92 27.50 -16.83 -5.80
CA HIS D 92 28.62 -16.94 -6.75
C HIS D 92 28.16 -16.25 -7.99
N TRP D 93 28.91 -15.27 -8.49
CA TRP D 93 28.53 -14.50 -9.69
C TRP D 93 28.18 -15.43 -10.85
N GLY D 94 26.98 -15.27 -11.42
CA GLY D 94 26.54 -16.12 -12.54
C GLY D 94 25.50 -17.13 -12.09
N SER D 95 25.48 -17.45 -10.81
CA SER D 95 24.53 -18.44 -10.25
C SER D 95 23.13 -17.86 -10.16
N SER D 96 22.13 -18.75 -10.29
CA SER D 96 20.70 -18.40 -10.12
C SER D 96 20.21 -18.75 -8.72
N THR D 97 21.10 -19.24 -7.84
CA THR D 97 20.67 -19.63 -6.49
C THR D 97 21.60 -19.02 -5.45
N VAL D 98 21.02 -18.83 -4.28
CA VAL D 98 21.71 -18.47 -3.03
C VAL D 98 22.09 -19.74 -2.32
N ILE D 99 23.35 -19.89 -1.98
CA ILE D 99 23.87 -21.03 -1.18
C ILE D 99 24.27 -20.55 0.22
N THR D 100 24.49 -21.50 1.11
CA THR D 100 25.14 -21.24 2.40
C THR D 100 26.64 -21.48 2.23
N GLU D 101 27.47 -20.55 2.73
CA GLU D 101 28.94 -20.67 2.64
C GLU D 101 29.56 -20.04 3.88
N ASP D 102 30.54 -20.74 4.43
CA ASP D 102 31.41 -20.20 5.50
C ASP D 102 32.44 -19.23 4.90
N VAL D 103 32.30 -17.95 5.19
CA VAL D 103 33.22 -16.88 4.70
C VAL D 103 33.98 -16.27 5.87
N THR D 104 34.07 -16.95 7.01
CA THR D 104 34.75 -16.40 8.20
C THR D 104 36.22 -16.08 7.84
N SER D 105 36.84 -16.79 6.92
N SER D 105 36.85 -16.80 6.93
CA SER D 105 38.28 -16.62 6.63
CA SER D 105 38.29 -16.60 6.66
C SER D 105 38.51 -15.32 5.87
C SER D 105 38.51 -15.30 5.87
N VAL D 106 37.46 -14.78 5.21
CA VAL D 106 37.58 -13.54 4.41
C VAL D 106 37.42 -12.30 5.30
N VAL D 107 36.64 -12.41 6.37
CA VAL D 107 36.12 -11.25 7.13
C VAL D 107 37.26 -10.42 7.70
N PRO D 108 38.26 -10.96 8.42
CA PRO D 108 39.20 -10.06 9.10
C PRO D 108 40.03 -9.12 8.20
N GLY D 109 40.26 -9.52 6.95
CA GLY D 109 41.08 -8.76 6.00
C GLY D 109 40.26 -7.81 5.16
N ALA D 110 38.93 -7.94 5.24
CA ALA D 110 38.07 -7.05 4.46
C ALA D 110 38.13 -5.63 5.00
N VAL D 111 38.08 -4.62 4.14
CA VAL D 111 38.05 -3.21 4.57
C VAL D 111 36.65 -2.91 5.07
N ASN D 112 36.55 -2.21 6.21
CA ASN D 112 35.23 -1.91 6.78
C ASN D 112 34.67 -0.67 6.12
N ARG D 113 33.45 -0.80 5.61
CA ARG D 113 32.71 0.28 4.97
C ARG D 113 31.28 0.32 5.55
N ASP D 114 31.19 0.25 6.87
CA ASP D 114 29.86 0.30 7.52
C ASP D 114 29.13 1.56 7.09
N LYS D 115 27.83 1.38 6.83
CA LYS D 115 26.91 2.44 6.36
C LYS D 115 27.29 2.97 4.97
N VAL D 116 28.21 2.33 4.27
CA VAL D 116 28.57 2.80 2.92
C VAL D 116 28.90 1.58 2.07
N THR D 117 28.02 0.59 1.98
CA THR D 117 28.16 -0.51 0.99
C THR D 117 26.85 -0.65 0.24
N THR D 118 26.79 -1.66 -0.61
CA THR D 118 25.74 -1.71 -1.65
C THR D 118 24.55 -2.51 -1.17
N ALA D 119 23.97 -2.19 -0.01
CA ALA D 119 22.71 -2.77 0.47
C ALA D 119 21.90 -1.62 1.04
N TYR D 120 20.63 -1.50 0.65
CA TYR D 120 19.87 -0.27 0.92
C TYR D 120 18.50 -0.63 1.48
N ALA D 121 18.13 0.00 2.60
CA ALA D 121 16.77 -0.16 3.12
C ALA D 121 15.90 0.75 2.29
N LEU D 122 14.74 0.28 1.92
CA LEU D 122 13.77 1.10 1.16
C LEU D 122 12.99 1.95 2.15
N PRO D 123 12.75 3.23 1.84
CA PRO D 123 12.01 4.11 2.76
C PRO D 123 10.49 3.98 2.65
N ASP D 124 9.83 4.64 3.58
CA ASP D 124 8.35 4.57 3.65
C ASP D 124 7.73 5.32 2.46
N ASN D 125 8.43 6.25 1.83
CA ASN D 125 7.85 7.15 0.81
C ASN D 125 8.35 6.77 -0.58
N LEU D 126 8.56 5.49 -0.84
CA LEU D 126 8.92 5.05 -2.20
C LEU D 126 7.82 4.13 -2.71
N ALA E 1 -18.42 17.91 13.11
CA ALA E 1 -19.05 18.43 11.91
C ALA E 1 -18.21 18.05 10.69
N ILE E 2 -18.86 17.61 9.62
CA ILE E 2 -18.12 17.28 8.39
C ILE E 2 -17.39 18.52 7.89
N PHE E 3 -16.21 18.26 7.36
CA PHE E 3 -15.25 19.23 6.76
C PHE E 3 -14.30 19.77 7.83
N HIS E 4 -14.55 19.59 9.11
CA HIS E 4 -13.56 19.88 10.14
C HIS E 4 -12.44 18.84 10.09
N THR E 5 -11.23 19.19 10.51
CA THR E 5 -10.14 18.23 10.67
C THR E 5 -10.67 17.04 11.46
N GLY E 6 -10.40 15.83 10.98
CA GLY E 6 -10.93 14.60 11.61
C GLY E 6 -12.23 14.11 11.00
N SER E 7 -12.95 14.95 10.26
CA SER E 7 -14.25 14.64 9.66
C SER E 7 -14.23 15.07 8.20
N GLU E 8 -13.12 14.82 7.53
CA GLU E 8 -12.94 15.15 6.10
C GLU E 8 -13.87 14.30 5.23
N LEU E 9 -14.31 14.80 4.09
CA LEU E 9 -15.20 14.01 3.23
C LEU E 9 -14.41 13.32 2.13
N PHE E 10 -14.39 11.99 2.14
CA PHE E 10 -13.73 11.17 1.12
C PHE E 10 -14.79 10.35 0.41
N ILE E 11 -14.53 10.13 -0.86
CA ILE E 11 -15.39 9.24 -1.69
C ILE E 11 -14.51 8.16 -2.28
N ILE E 12 -15.10 6.97 -2.43
N ILE E 12 -15.13 6.99 -2.46
CA ILE E 12 -14.47 5.86 -3.17
CA ILE E 12 -14.53 5.81 -3.08
C ILE E 12 -15.47 5.39 -4.22
C ILE E 12 -15.48 5.36 -4.20
N THR E 13 -14.96 5.20 -5.41
CA THR E 13 -15.79 4.78 -6.57
C THR E 13 -15.12 3.61 -7.25
N ARG E 14 -15.91 2.90 -8.04
CA ARG E 14 -15.33 1.87 -8.90
C ARG E 14 -15.76 2.12 -10.37
N GLY E 15 -14.78 2.02 -11.22
CA GLY E 15 -14.89 2.18 -12.67
C GLY E 15 -15.12 3.64 -13.04
N PRO E 16 -15.34 3.89 -14.35
CA PRO E 16 -15.43 5.24 -14.85
C PRO E 16 -16.76 5.90 -14.53
N GLY E 17 -16.70 7.22 -14.48
CA GLY E 17 -17.93 8.02 -14.28
C GLY E 17 -17.60 9.43 -13.87
N LYS E 18 -18.60 10.17 -13.40
CA LYS E 18 -18.41 11.57 -12.99
C LYS E 18 -19.00 11.74 -11.60
N LEU E 19 -18.23 12.43 -10.76
CA LEU E 19 -18.68 12.90 -9.46
C LEU E 19 -19.04 14.36 -9.65
N THR E 20 -20.25 14.74 -9.34
CA THR E 20 -20.67 16.16 -9.49
C THR E 20 -20.95 16.77 -8.12
N LEU E 21 -20.36 17.94 -7.86
CA LEU E 21 -20.52 18.71 -6.62
C LEU E 21 -21.36 19.97 -6.94
N LEU E 22 -22.40 20.17 -6.17
CA LEU E 22 -23.23 21.39 -6.15
C LEU E 22 -22.88 22.17 -4.90
N THR E 23 -22.33 23.38 -5.04
CA THR E 23 -21.99 24.27 -3.91
C THR E 23 -23.06 25.35 -3.84
N TRP E 24 -23.84 25.38 -2.79
CA TRP E 24 -25.02 26.31 -2.74
C TRP E 24 -25.27 26.85 -1.35
N GLY E 25 -26.40 27.58 -1.15
CA GLY E 25 -26.60 28.19 0.17
C GLY E 25 -25.56 29.28 0.43
N GLY E 26 -25.10 29.94 -0.61
CA GLY E 26 -24.08 31.02 -0.51
C GLY E 26 -24.53 32.14 0.40
N LEU E 27 -23.68 32.58 1.33
CA LEU E 27 -23.96 33.78 2.17
C LEU E 27 -24.06 34.99 1.25
N ASN E 28 -24.94 35.93 1.63
CA ASN E 28 -25.04 37.25 0.95
C ASN E 28 -25.28 37.05 -0.56
N ASN E 29 -26.19 36.16 -0.94
CA ASN E 29 -26.59 35.96 -2.36
C ASN E 29 -25.42 35.56 -3.25
N LEU E 30 -24.35 34.94 -2.72
CA LEU E 30 -23.32 34.34 -3.62
C LEU E 30 -23.94 33.27 -4.53
N ARG E 31 -23.52 33.20 -5.78
CA ARG E 31 -24.06 32.31 -6.82
C ARG E 31 -23.68 30.88 -6.48
N SER E 32 -24.65 29.98 -6.59
CA SER E 32 -24.40 28.52 -6.52
C SER E 32 -23.49 28.07 -7.66
N VAL E 33 -22.72 26.98 -7.48
CA VAL E 33 -21.75 26.44 -8.47
C VAL E 33 -22.02 24.95 -8.62
N ILE E 34 -21.86 24.42 -9.81
CA ILE E 34 -22.02 22.96 -10.11
C ILE E 34 -20.88 22.57 -11.01
N GLY E 35 -20.20 21.49 -10.68
CA GLY E 35 -19.15 21.00 -11.56
C GLY E 35 -18.96 19.51 -11.46
N ALA E 36 -18.87 18.87 -12.62
CA ALA E 36 -18.67 17.41 -12.81
C ALA E 36 -17.20 17.15 -12.92
N ILE E 37 -16.70 16.16 -12.15
CA ILE E 37 -15.28 15.75 -12.27
C ILE E 37 -15.22 14.32 -12.77
N PRO E 38 -14.62 14.08 -13.95
CA PRO E 38 -14.60 12.74 -14.51
C PRO E 38 -13.45 11.90 -13.95
N THR E 39 -13.65 10.59 -13.86
CA THR E 39 -12.55 9.58 -13.79
C THR E 39 -12.70 8.60 -14.95
N GLU E 40 -11.59 8.22 -15.55
CA GLU E 40 -11.57 7.14 -16.56
C GLU E 40 -11.00 5.88 -15.93
N ASN E 41 -10.71 5.88 -14.63
CA ASN E 41 -10.16 4.65 -14.00
C ASN E 41 -11.09 3.44 -14.18
N THR E 42 -10.49 2.25 -14.39
CA THR E 42 -11.24 0.98 -14.50
C THR E 42 -11.55 0.40 -13.12
N GLY E 43 -10.69 0.70 -12.15
CA GLY E 43 -10.76 0.15 -10.80
C GLY E 43 -11.27 1.17 -9.81
N VAL E 44 -10.69 1.14 -8.61
CA VAL E 44 -11.07 2.04 -7.53
C VAL E 44 -10.44 3.40 -7.74
N THR E 45 -11.24 4.44 -7.52
CA THR E 45 -10.73 5.81 -7.41
C THR E 45 -11.06 6.29 -6.00
N LYS E 46 -10.10 6.92 -5.34
CA LYS E 46 -10.29 7.62 -4.07
C LYS E 46 -10.35 9.11 -4.35
N TRP E 47 -11.18 9.82 -3.61
CA TRP E 47 -11.46 11.25 -3.87
C TRP E 47 -11.44 12.01 -2.57
N ALA E 48 -10.96 13.25 -2.61
CA ALA E 48 -11.16 14.22 -1.53
C ALA E 48 -12.17 15.28 -1.96
N VAL E 49 -13.21 15.53 -1.19
CA VAL E 49 -14.25 16.52 -1.54
C VAL E 49 -14.16 17.63 -0.52
N SER E 50 -13.96 18.84 -1.02
CA SER E 50 -13.79 20.05 -0.16
C SER E 50 -15.04 20.90 -0.25
N PHE E 51 -15.26 21.66 0.81
CA PHE E 51 -16.23 22.77 0.80
C PHE E 51 -15.53 23.99 0.18
N SER E 52 -16.32 25.04 0.06
CA SER E 52 -15.81 26.41 -0.23
C SER E 52 -16.28 27.28 0.91
N HIS E 53 -15.40 28.14 1.40
CA HIS E 53 -15.81 29.14 2.41
C HIS E 53 -16.99 29.98 1.88
N ASN E 54 -17.83 30.43 2.83
CA ASN E 54 -19.00 31.33 2.59
C ASN E 54 -20.18 30.59 1.93
N TYR E 55 -20.19 29.27 1.87
CA TYR E 55 -21.33 28.46 1.38
C TYR E 55 -21.81 27.53 2.51
N THR E 56 -23.11 27.26 2.53
CA THR E 56 -23.72 26.50 3.66
C THR E 56 -24.36 25.20 3.18
N ARG E 57 -24.31 24.89 1.90
CA ARG E 57 -24.93 23.63 1.42
C ARG E 57 -24.02 23.00 0.38
N PHE E 58 -23.79 21.69 0.54
CA PHE E 58 -22.93 20.94 -0.39
C PHE E 58 -23.64 19.65 -0.76
N SER E 59 -23.91 19.45 -2.03
CA SER E 59 -24.68 18.29 -2.51
C SER E 59 -23.87 17.58 -3.59
N PHE E 60 -23.88 16.27 -3.63
CA PHE E 60 -23.07 15.58 -4.64
C PHE E 60 -23.80 14.31 -5.10
N ILE E 61 -23.53 13.90 -6.32
CA ILE E 61 -24.01 12.61 -6.87
C ILE E 61 -22.88 12.00 -7.67
N TRP E 62 -23.00 10.69 -7.85
CA TRP E 62 -22.16 9.89 -8.72
C TRP E 62 -22.97 9.39 -9.89
N GLU E 63 -22.43 9.57 -11.09
CA GLU E 63 -23.03 9.03 -12.33
C GLU E 63 -22.00 8.09 -12.91
N GLY E 64 -22.23 6.80 -12.79
CA GLY E 64 -21.32 5.76 -13.28
C GLY E 64 -22.01 4.45 -13.02
N GLN E 65 -21.64 3.40 -13.72
CA GLN E 65 -22.29 2.09 -13.52
C GLN E 65 -21.86 1.47 -12.20
N GLY E 66 -20.64 1.80 -11.77
CA GLY E 66 -20.10 1.15 -10.57
C GLY E 66 -20.53 1.84 -9.28
N GLU E 67 -20.14 1.18 -8.21
CA GLU E 67 -20.44 1.64 -6.84
C GLU E 67 -19.74 2.97 -6.54
N ALA E 68 -20.32 3.64 -5.57
CA ALA E 68 -19.74 4.87 -5.00
C ALA E 68 -20.22 5.03 -3.58
N CYS E 69 -19.25 5.28 -2.68
CA CYS E 69 -19.53 5.42 -1.24
C CYS E 69 -18.76 6.59 -0.65
N TYR E 70 -19.25 7.16 0.44
CA TYR E 70 -18.47 8.20 1.13
C TYR E 70 -17.96 7.67 2.47
N GLN E 71 -16.87 8.24 2.95
CA GLN E 71 -16.24 7.93 4.26
C GLN E 71 -15.99 9.28 4.94
N ILE E 72 -16.28 9.39 6.22
CA ILE E 72 -16.01 10.61 6.99
C ILE E 72 -14.74 10.40 7.79
N GLY E 73 -13.76 11.22 7.48
CA GLY E 73 -12.46 11.18 8.16
C GLY E 73 -11.86 9.80 8.05
N ASN E 74 -11.31 9.30 9.14
CA ASN E 74 -10.74 7.93 9.22
C ASN E 74 -11.79 6.97 9.78
N GLY E 75 -13.06 7.34 9.77
CA GLY E 75 -14.13 6.38 10.09
C GLY E 75 -14.09 5.20 9.18
N LEU E 76 -14.59 4.08 9.68
CA LEU E 76 -14.60 2.81 8.90
C LEU E 76 -15.81 2.76 7.99
N THR E 77 -16.96 3.34 8.37
CA THR E 77 -18.21 3.15 7.59
C THR E 77 -18.03 3.76 6.19
N ARG E 78 -18.54 3.09 5.19
CA ARG E 78 -18.61 3.60 3.81
C ARG E 78 -20.02 3.40 3.33
N SER E 79 -20.72 4.48 3.02
CA SER E 79 -22.18 4.46 2.73
C SER E 79 -22.43 5.03 1.33
N PRO E 80 -23.40 4.49 0.58
CA PRO E 80 -23.61 4.88 -0.79
C PRO E 80 -23.87 6.38 -1.00
N VAL E 81 -23.26 6.90 -2.04
CA VAL E 81 -23.47 8.28 -2.55
C VAL E 81 -24.74 8.32 -3.37
N GLY E 82 -25.44 9.43 -3.30
CA GLY E 82 -26.63 9.59 -4.16
C GLY E 82 -26.30 9.54 -5.63
N ARG E 83 -27.30 9.10 -6.40
CA ARG E 83 -27.07 8.84 -7.82
C ARG E 83 -27.98 9.71 -8.69
N SER E 84 -28.80 10.53 -8.06
CA SER E 84 -29.58 11.54 -8.79
C SER E 84 -29.87 12.72 -7.87
N TRP E 85 -30.19 13.86 -8.45
CA TRP E 85 -30.34 15.10 -7.65
C TRP E 85 -31.59 15.04 -6.78
N SER E 86 -32.62 14.22 -7.12
CA SER E 86 -33.83 14.14 -6.27
C SER E 86 -33.54 13.35 -5.01
N SER E 87 -32.40 12.65 -4.97
CA SER E 87 -32.00 11.90 -3.75
C SER E 87 -30.49 12.10 -3.62
N SER E 88 -30.05 13.35 -3.73
CA SER E 88 -28.63 13.70 -3.66
C SER E 88 -28.07 13.38 -2.27
N SER E 89 -26.75 13.18 -2.18
CA SER E 89 -26.03 13.26 -0.87
C SER E 89 -25.87 14.73 -0.53
N THR E 90 -26.32 15.18 0.63
CA THR E 90 -26.24 16.62 0.95
C THR E 90 -25.69 16.75 2.37
N ILE E 91 -24.90 17.80 2.52
CA ILE E 91 -24.38 18.23 3.83
C ILE E 91 -24.90 19.65 4.07
N HIS E 92 -25.52 19.85 5.21
CA HIS E 92 -25.79 21.20 5.74
C HIS E 92 -24.58 21.61 6.54
N TRP E 93 -24.02 22.79 6.27
CA TRP E 93 -22.81 23.27 6.99
C TRP E 93 -23.01 23.19 8.50
N GLY E 94 -22.10 22.53 9.21
CA GLY E 94 -22.17 22.34 10.68
C GLY E 94 -22.68 20.97 11.03
N SER E 95 -23.31 20.28 10.10
CA SER E 95 -23.85 18.91 10.36
C SER E 95 -22.71 17.89 10.41
N SER E 96 -22.92 16.83 11.18
CA SER E 96 -22.01 15.67 11.24
C SER E 96 -22.52 14.55 10.34
N THR E 97 -23.63 14.74 9.63
CA THR E 97 -24.39 13.69 8.92
C THR E 97 -24.54 14.08 7.45
N VAL E 98 -24.34 13.13 6.52
CA VAL E 98 -24.79 13.27 5.12
C VAL E 98 -26.24 12.83 5.06
N ILE E 99 -27.10 13.62 4.45
CA ILE E 99 -28.54 13.26 4.33
C ILE E 99 -28.88 13.14 2.86
N THR E 100 -30.02 12.54 2.61
CA THR E 100 -30.60 12.51 1.28
C THR E 100 -31.52 13.73 1.12
N GLU E 101 -31.31 14.50 0.06
CA GLU E 101 -32.12 15.73 -0.15
C GLU E 101 -32.32 16.02 -1.63
N ASP E 102 -33.54 16.40 -1.98
CA ASP E 102 -33.90 16.78 -3.37
C ASP E 102 -33.40 18.22 -3.63
N VAL E 103 -32.44 18.37 -4.53
CA VAL E 103 -31.83 19.69 -4.88
C VAL E 103 -32.05 19.96 -6.36
N THR E 104 -33.04 19.29 -6.96
CA THR E 104 -33.27 19.41 -8.41
C THR E 104 -33.58 20.87 -8.79
N SER E 105 -34.16 21.65 -7.89
CA SER E 105 -34.53 23.07 -8.24
C SER E 105 -33.30 23.99 -8.17
N VAL E 106 -32.19 23.57 -7.54
CA VAL E 106 -30.98 24.43 -7.36
C VAL E 106 -30.07 24.29 -8.57
N VAL E 107 -30.07 23.12 -9.20
CA VAL E 107 -29.07 22.74 -10.24
C VAL E 107 -29.10 23.67 -11.46
N PRO E 108 -30.27 24.00 -12.08
CA PRO E 108 -30.21 24.74 -13.33
C PRO E 108 -29.68 26.17 -13.20
N GLY E 109 -29.83 26.74 -12.00
CA GLY E 109 -29.42 28.11 -11.66
C GLY E 109 -27.93 28.20 -11.37
N ALA E 110 -27.24 27.07 -11.16
CA ALA E 110 -25.83 27.15 -10.68
C ALA E 110 -24.91 27.42 -11.87
N VAL E 111 -23.80 28.13 -11.67
CA VAL E 111 -22.79 28.37 -12.74
C VAL E 111 -21.98 27.08 -12.96
N ASN E 112 -21.74 26.69 -14.20
CA ASN E 112 -21.09 25.44 -14.59
C ASN E 112 -19.60 25.65 -14.45
N ARG E 113 -18.97 24.85 -13.59
CA ARG E 113 -17.50 24.84 -13.39
C ARG E 113 -17.03 23.39 -13.56
N ASP E 114 -17.44 22.73 -14.61
CA ASP E 114 -16.97 21.33 -14.90
C ASP E 114 -15.44 21.28 -14.93
N LYS E 115 -14.88 20.27 -14.24
CA LYS E 115 -13.42 20.06 -14.12
C LYS E 115 -12.69 21.16 -13.36
N VAL E 116 -13.42 22.05 -12.69
N VAL E 116 -13.41 22.10 -12.72
CA VAL E 116 -12.75 23.10 -11.86
CA VAL E 116 -12.79 23.16 -11.87
C VAL E 116 -13.65 23.41 -10.66
C VAL E 116 -13.67 23.41 -10.66
N THR E 117 -13.98 22.37 -9.88
CA THR E 117 -14.63 22.56 -8.60
C THR E 117 -13.85 21.76 -7.57
N THR E 118 -14.36 21.79 -6.35
CA THR E 118 -13.55 21.42 -5.17
C THR E 118 -13.70 19.92 -4.85
N ALA E 119 -13.53 19.05 -5.81
CA ALA E 119 -13.56 17.58 -5.67
C ALA E 119 -12.44 17.04 -6.50
N TYR E 120 -11.61 16.19 -5.94
CA TYR E 120 -10.34 15.78 -6.55
C TYR E 120 -10.15 14.27 -6.44
N ALA E 121 -9.84 13.64 -7.56
CA ALA E 121 -9.44 12.21 -7.65
C ALA E 121 -7.97 12.16 -7.27
N LEU E 122 -7.64 11.25 -6.38
CA LEU E 122 -6.23 11.05 -5.97
C LEU E 122 -5.52 10.21 -7.01
N PRO E 123 -4.25 10.52 -7.30
CA PRO E 123 -3.53 9.83 -8.34
C PRO E 123 -2.90 8.53 -7.82
N ASP E 124 -2.31 7.80 -8.76
CA ASP E 124 -1.63 6.50 -8.54
C ASP E 124 -0.37 6.69 -7.69
N ASN E 125 0.24 7.87 -7.71
CA ASN E 125 1.59 8.09 -7.15
C ASN E 125 1.57 8.96 -5.91
N LEU E 126 0.43 9.22 -5.28
CA LEU E 126 0.52 9.98 -4.01
C LEU E 126 1.07 8.99 -2.98
N ALA F 1 -3.86 24.70 -15.51
CA ALA F 1 -3.99 25.59 -14.31
C ALA F 1 -4.13 24.69 -13.09
N ILE F 2 -3.44 25.04 -12.03
CA ILE F 2 -3.57 24.27 -10.77
C ILE F 2 -4.99 24.42 -10.23
N PHE F 3 -5.51 23.32 -9.66
CA PHE F 3 -6.87 23.11 -9.10
C PHE F 3 -7.84 22.56 -10.16
N HIS F 4 -7.50 22.65 -11.43
CA HIS F 4 -8.28 21.98 -12.48
C HIS F 4 -8.05 20.47 -12.36
N THR F 5 -9.01 19.67 -12.75
CA THR F 5 -8.85 18.21 -12.92
C THR F 5 -7.57 17.95 -13.71
N GLY F 6 -6.74 17.03 -13.23
CA GLY F 6 -5.40 16.76 -13.81
C GLY F 6 -4.24 17.56 -13.19
N SER F 7 -4.54 18.64 -12.49
CA SER F 7 -3.56 19.58 -11.88
C SER F 7 -3.96 19.87 -10.43
N GLU F 8 -4.45 18.86 -9.74
CA GLU F 8 -4.83 18.89 -8.32
C GLU F 8 -3.57 19.16 -7.48
N LEU F 9 -3.75 19.80 -6.33
CA LEU F 9 -2.63 20.22 -5.46
C LEU F 9 -2.56 19.24 -4.28
N PHE F 10 -1.47 18.49 -4.25
CA PHE F 10 -1.18 17.51 -3.18
C PHE F 10 0.07 17.94 -2.46
N ILE F 11 0.08 17.68 -1.15
CA ILE F 11 1.28 17.97 -0.33
C ILE F 11 1.67 16.67 0.36
N ILE F 12 2.97 16.47 0.49
N ILE F 12 2.97 16.53 0.55
CA ILE F 12 3.52 15.35 1.34
CA ILE F 12 3.57 15.39 1.29
C ILE F 12 4.42 16.00 2.40
C ILE F 12 4.43 16.00 2.39
N THR F 13 4.23 15.53 3.63
CA THR F 13 4.97 16.03 4.79
C THR F 13 5.53 14.86 5.59
N ARG F 14 6.58 15.15 6.35
CA ARG F 14 7.16 14.13 7.23
C ARG F 14 7.10 14.65 8.66
N GLY F 15 6.54 13.84 9.50
CA GLY F 15 6.48 14.06 10.94
C GLY F 15 5.48 15.11 11.33
N PRO F 16 5.36 15.44 12.61
CA PRO F 16 4.22 16.21 13.09
C PRO F 16 4.37 17.69 12.72
N GLY F 17 3.26 18.41 12.59
CA GLY F 17 3.35 19.86 12.33
C GLY F 17 2.02 20.38 11.93
N LYS F 18 1.99 21.58 11.35
CA LYS F 18 0.73 22.19 10.91
C LYS F 18 0.91 22.71 9.50
N LEU F 19 -0.03 22.41 8.64
CA LEU F 19 -0.12 23.02 7.30
C LEU F 19 -1.13 24.17 7.42
N THR F 20 -0.74 25.41 7.10
CA THR F 20 -1.67 26.52 7.25
C THR F 20 -1.99 27.07 5.86
N LEU F 21 -3.27 27.30 5.61
CA LEU F 21 -3.75 27.78 4.30
C LEU F 21 -4.34 29.17 4.52
N LEU F 22 -3.90 30.13 3.71
CA LEU F 22 -4.45 31.51 3.67
C LEU F 22 -5.17 31.64 2.35
N THR F 23 -6.47 31.85 2.44
CA THR F 23 -7.37 32.01 1.29
C THR F 23 -7.69 33.51 1.18
N TRP F 24 -7.26 34.11 0.08
CA TRP F 24 -7.34 35.60 0.00
C TRP F 24 -7.60 36.05 -1.40
N GLY F 25 -7.57 37.37 -1.64
CA GLY F 25 -7.97 37.84 -2.97
C GLY F 25 -9.44 37.56 -3.23
N GLY F 26 -10.29 37.65 -2.21
CA GLY F 26 -11.71 37.38 -2.40
C GLY F 26 -12.38 38.42 -3.27
N LEU F 27 -13.27 37.96 -4.10
CA LEU F 27 -14.12 38.88 -4.92
C LEU F 27 -15.11 39.60 -4.00
N ASN F 28 -15.51 40.82 -4.37
CA ASN F 28 -16.55 41.59 -3.64
C ASN F 28 -16.28 41.72 -2.12
N ASN F 29 -15.05 41.97 -1.69
CA ASN F 29 -14.80 42.22 -0.24
C ASN F 29 -15.04 40.95 0.60
N LEU F 30 -15.04 39.74 0.01
CA LEU F 30 -15.12 38.51 0.84
C LEU F 30 -13.89 38.49 1.75
N ARG F 31 -14.10 38.18 3.02
CA ARG F 31 -13.03 38.21 4.00
C ARG F 31 -12.04 37.07 3.73
N SER F 32 -10.76 37.38 3.83
CA SER F 32 -9.67 36.37 3.81
C SER F 32 -9.84 35.43 5.01
N VAL F 33 -9.39 34.18 4.82
CA VAL F 33 -9.46 33.10 5.83
C VAL F 33 -8.06 32.55 6.07
N ILE F 34 -7.64 32.32 7.30
CA ILE F 34 -6.37 31.62 7.63
C ILE F 34 -6.76 30.46 8.53
N GLY F 35 -6.32 29.27 8.22
CA GLY F 35 -6.54 28.14 9.13
C GLY F 35 -5.40 27.16 9.08
N ALA F 36 -5.00 26.72 10.26
CA ALA F 36 -3.94 25.73 10.44
C ALA F 36 -4.57 24.36 10.60
N ILE F 37 -4.00 23.37 9.92
CA ILE F 37 -4.46 21.97 9.94
C ILE F 37 -3.31 21.14 10.48
N PRO F 38 -3.46 20.58 11.70
CA PRO F 38 -2.38 19.81 12.29
C PRO F 38 -2.36 18.36 11.80
N THR F 39 -1.18 17.75 11.86
CA THR F 39 -0.99 16.27 11.85
C THR F 39 -0.06 15.90 12.99
N GLU F 40 -0.33 14.72 13.57
CA GLU F 40 0.55 14.16 14.61
C GLU F 40 1.31 12.94 14.08
N ASN F 41 1.24 12.62 12.80
CA ASN F 41 1.88 11.42 12.23
C ASN F 41 3.40 11.53 12.45
N THR F 42 4.05 10.42 12.80
CA THR F 42 5.51 10.38 12.98
C THR F 42 6.17 10.32 11.61
N GLY F 43 5.47 9.71 10.65
CA GLY F 43 6.04 9.51 9.31
C GLY F 43 5.40 10.45 8.30
N VAL F 44 5.03 9.86 7.19
CA VAL F 44 4.53 10.62 6.02
C VAL F 44 3.06 10.95 6.24
N THR F 45 2.68 12.18 5.90
CA THR F 45 1.25 12.51 5.73
C THR F 45 1.07 12.99 4.30
N LYS F 46 0.05 12.45 3.65
CA LYS F 46 -0.39 12.96 2.34
C LYS F 46 -1.59 13.87 2.54
N TRP F 47 -1.65 14.95 1.73
CA TRP F 47 -2.69 15.99 1.88
C TRP F 47 -3.28 16.36 0.53
N ALA F 48 -4.54 16.72 0.53
CA ALA F 48 -5.20 17.32 -0.64
C ALA F 48 -5.53 18.75 -0.24
N VAL F 49 -5.11 19.70 -1.06
CA VAL F 49 -5.36 21.14 -0.75
C VAL F 49 -6.30 21.68 -1.82
N SER F 50 -7.39 22.25 -1.35
CA SER F 50 -8.47 22.76 -2.25
C SER F 50 -8.43 24.28 -2.23
N PHE F 51 -8.92 24.85 -3.33
CA PHE F 51 -9.36 26.28 -3.33
C PHE F 51 -10.77 26.39 -2.79
N SER F 52 -11.24 27.62 -2.66
CA SER F 52 -12.64 28.00 -2.41
C SER F 52 -13.09 28.84 -3.58
N HIS F 53 -14.29 28.59 -4.09
CA HIS F 53 -14.88 29.46 -5.13
C HIS F 53 -14.84 30.90 -4.62
N ASN F 54 -14.69 31.80 -5.58
CA ASN F 54 -14.79 33.28 -5.40
C ASN F 54 -13.53 33.85 -4.75
N TYR F 55 -12.47 33.07 -4.59
CA TYR F 55 -11.17 33.61 -4.11
C TYR F 55 -10.13 33.42 -5.19
N THR F 56 -9.10 34.30 -5.22
CA THR F 56 -8.14 34.30 -6.35
C THR F 56 -6.69 34.11 -5.89
N ARG F 57 -6.43 33.94 -4.58
CA ARG F 57 -5.09 33.74 -4.07
C ARG F 57 -5.14 32.68 -2.98
N PHE F 58 -4.19 31.76 -3.06
CA PHE F 58 -4.10 30.66 -2.08
C PHE F 58 -2.65 30.52 -1.66
N SER F 59 -2.36 30.75 -0.41
CA SER F 59 -0.98 30.73 0.09
C SER F 59 -0.87 29.70 1.20
N PHE F 60 0.20 28.96 1.27
CA PHE F 60 0.30 27.93 2.32
C PHE F 60 1.75 27.84 2.79
N ILE F 61 1.89 27.41 4.06
CA ILE F 61 3.21 27.14 4.67
C ILE F 61 3.12 25.87 5.50
N TRP F 62 4.24 25.29 5.73
CA TRP F 62 4.37 24.14 6.64
C TRP F 62 5.21 24.56 7.81
N GLU F 63 4.72 24.24 9.00
CA GLU F 63 5.46 24.46 10.26
C GLU F 63 5.69 23.13 10.93
N GLY F 64 6.90 22.61 10.80
CA GLY F 64 7.36 21.33 11.41
C GLY F 64 8.83 21.17 11.18
N GLN F 65 9.53 20.29 11.89
CA GLN F 65 10.96 20.04 11.63
C GLN F 65 11.15 19.27 10.35
N GLY F 66 10.16 18.46 9.97
CA GLY F 66 10.33 17.56 8.83
C GLY F 66 10.01 18.29 7.53
N GLU F 67 10.44 17.64 6.44
CA GLU F 67 10.24 18.18 5.08
C GLU F 67 8.74 18.26 4.71
N ALA F 68 8.48 19.11 3.72
CA ALA F 68 7.16 19.28 3.09
C ALA F 68 7.37 19.67 1.63
N CYS F 69 6.70 18.95 0.75
CA CYS F 69 6.79 19.18 -0.70
C CYS F 69 5.37 19.17 -1.30
N TYR F 70 5.22 19.81 -2.43
CA TYR F 70 3.95 19.75 -3.18
C TYR F 70 4.17 18.96 -4.48
N GLN F 71 3.10 18.37 -4.91
CA GLN F 71 3.06 17.62 -6.20
C GLN F 71 1.79 18.09 -6.93
N ILE F 72 1.87 18.30 -8.26
CA ILE F 72 0.70 18.74 -9.06
C ILE F 72 0.17 17.54 -9.83
N GLY F 73 -1.06 17.16 -9.60
CA GLY F 73 -1.67 16.00 -10.24
C GLY F 73 -0.84 14.76 -10.05
N ASN F 74 -0.65 13.97 -11.10
CA ASN F 74 0.15 12.72 -11.02
C ASN F 74 1.56 12.96 -11.53
N GLY F 75 2.02 14.23 -11.52
CA GLY F 75 3.40 14.56 -11.91
C GLY F 75 4.35 13.91 -10.93
N LEU F 76 5.54 13.58 -11.39
CA LEU F 76 6.51 12.92 -10.48
C LEU F 76 7.25 13.93 -9.64
N THR F 77 7.43 15.16 -10.12
CA THR F 77 8.22 16.19 -9.39
C THR F 77 7.56 16.52 -8.05
N ARG F 78 8.40 16.68 -7.01
CA ARG F 78 7.95 17.14 -5.68
C ARG F 78 8.90 18.23 -5.29
N SER F 79 8.35 19.38 -4.93
CA SER F 79 9.19 20.58 -4.64
C SER F 79 8.82 21.16 -3.30
N PRO F 80 9.79 21.80 -2.59
CA PRO F 80 9.48 22.24 -1.23
C PRO F 80 8.40 23.31 -1.04
N VAL F 81 7.63 23.14 0.00
CA VAL F 81 6.65 24.11 0.49
C VAL F 81 7.34 25.17 1.35
N GLY F 82 6.84 26.41 1.27
CA GLY F 82 7.37 27.49 2.11
C GLY F 82 7.16 27.24 3.57
N ARG F 83 8.03 27.84 4.40
CA ARG F 83 8.06 27.58 5.85
C ARG F 83 7.74 28.83 6.64
N SER F 84 7.49 29.99 6.02
CA SER F 84 7.06 31.22 6.74
C SER F 84 6.27 32.08 5.78
N TRP F 85 5.41 32.92 6.28
CA TRP F 85 4.54 33.71 5.38
C TRP F 85 5.35 34.67 4.51
N SER F 86 6.51 35.14 4.92
CA SER F 86 7.34 36.00 4.01
C SER F 86 7.85 35.22 2.81
N SER F 87 7.92 33.88 2.87
N SER F 87 7.85 33.88 2.88
CA SER F 87 8.31 33.03 1.70
CA SER F 87 8.32 32.98 1.79
C SER F 87 7.27 31.93 1.51
C SER F 87 7.27 31.91 1.53
N SER F 88 6.00 32.30 1.45
CA SER F 88 4.87 31.36 1.37
C SER F 88 4.92 30.67 0.03
N SER F 89 4.36 29.47 -0.06
CA SER F 89 3.98 28.90 -1.36
C SER F 89 2.67 29.56 -1.77
N THR F 90 2.56 30.16 -2.94
CA THR F 90 1.37 30.92 -3.35
C THR F 90 0.94 30.48 -4.75
N ILE F 91 -0.34 30.45 -4.92
CA ILE F 91 -0.94 30.18 -6.24
C ILE F 91 -1.85 31.37 -6.56
N HIS F 92 -1.57 31.99 -7.69
CA HIS F 92 -2.53 32.96 -8.28
C HIS F 92 -3.53 32.20 -9.11
N TRP F 93 -4.81 32.36 -8.85
CA TRP F 93 -5.89 31.62 -9.57
C TRP F 93 -5.68 31.67 -11.07
N GLY F 94 -5.63 30.52 -11.73
CA GLY F 94 -5.43 30.37 -13.18
C GLY F 94 -3.99 30.04 -13.54
N SER F 95 -3.06 30.17 -12.62
CA SER F 95 -1.64 29.87 -12.86
C SER F 95 -1.40 28.37 -12.85
N SER F 96 -0.39 27.91 -13.57
CA SER F 96 0.02 26.49 -13.61
C SER F 96 1.21 26.24 -12.70
N THR F 97 1.67 27.26 -11.96
CA THR F 97 2.85 27.11 -11.08
C THR F 97 2.67 27.75 -9.71
N VAL F 98 3.35 27.17 -8.75
CA VAL F 98 3.45 27.70 -7.38
C VAL F 98 4.62 28.68 -7.39
N ILE F 99 4.46 29.83 -6.74
CA ILE F 99 5.53 30.85 -6.61
C ILE F 99 5.77 31.08 -5.13
N THR F 100 6.87 31.78 -4.85
CA THR F 100 7.22 32.10 -3.45
C THR F 100 6.86 33.59 -3.30
N GLU F 101 5.98 33.92 -2.34
CA GLU F 101 5.45 35.29 -2.20
C GLU F 101 5.32 35.66 -0.73
N ASP F 102 5.68 36.89 -0.36
CA ASP F 102 5.43 37.43 1.01
C ASP F 102 3.95 37.84 1.11
N VAL F 103 3.20 37.19 1.99
CA VAL F 103 1.78 37.49 2.25
C VAL F 103 1.61 37.93 3.68
N THR F 104 2.70 38.28 4.37
CA THR F 104 2.64 38.82 5.76
C THR F 104 1.67 40.01 5.86
N SER F 105 1.46 40.80 4.82
CA SER F 105 0.52 41.95 4.92
C SER F 105 -0.94 41.50 4.98
N VAL F 106 -1.26 40.28 4.50
CA VAL F 106 -2.64 39.75 4.33
C VAL F 106 -3.05 39.04 5.64
N VAL F 107 -2.08 38.50 6.37
CA VAL F 107 -2.37 37.66 7.57
C VAL F 107 -3.19 38.43 8.61
N PRO F 108 -2.85 39.68 9.01
CA PRO F 108 -3.55 40.28 10.14
C PRO F 108 -5.07 40.42 9.95
N GLY F 109 -5.54 40.69 8.73
CA GLY F 109 -6.97 40.92 8.42
C GLY F 109 -7.72 39.62 8.20
N ALA F 110 -7.06 38.47 8.22
CA ALA F 110 -7.73 37.19 7.93
C ALA F 110 -8.49 36.65 9.14
N VAL F 111 -9.65 36.06 8.94
CA VAL F 111 -10.44 35.43 10.01
C VAL F 111 -9.87 34.03 10.29
N ASN F 112 -9.74 33.69 11.54
CA ASN F 112 -9.13 32.40 11.94
C ASN F 112 -10.17 31.28 11.81
N ARG F 113 -9.85 30.27 11.02
CA ARG F 113 -10.70 29.05 10.84
C ARG F 113 -9.79 27.83 11.05
N ASP F 114 -8.99 27.80 12.10
CA ASP F 114 -8.11 26.63 12.45
C ASP F 114 -9.00 25.38 12.47
N LYS F 115 -8.47 24.32 11.88
CA LYS F 115 -9.11 22.98 11.76
C LYS F 115 -10.40 23.05 10.95
N VAL F 116 -10.68 24.13 10.24
N VAL F 116 -10.72 24.15 10.27
CA VAL F 116 -11.89 24.19 9.38
CA VAL F 116 -11.93 24.24 9.40
C VAL F 116 -11.61 25.07 8.17
C VAL F 116 -11.61 25.08 8.16
N THR F 117 -10.59 24.66 7.40
CA THR F 117 -10.32 25.26 6.08
C THR F 117 -10.05 24.15 5.07
N THR F 118 -9.77 24.52 3.83
CA THR F 118 -9.85 23.62 2.66
C THR F 118 -8.53 22.90 2.40
N ALA F 119 -7.94 22.30 3.42
CA ALA F 119 -6.75 21.44 3.29
C ALA F 119 -6.99 20.24 4.19
N TYR F 120 -6.68 19.06 3.66
CA TYR F 120 -7.10 17.82 4.37
C TYR F 120 -5.97 16.81 4.35
N ALA F 121 -5.66 16.27 5.54
CA ALA F 121 -4.74 15.13 5.69
C ALA F 121 -5.50 13.85 5.31
N LEU F 122 -4.90 13.01 4.50
CA LEU F 122 -5.51 11.73 4.09
C LEU F 122 -5.31 10.75 5.22
N PRO F 123 -6.35 9.98 5.57
CA PRO F 123 -6.20 9.02 6.65
C PRO F 123 -5.55 7.72 6.22
N ASP F 124 -5.31 6.87 7.23
N ASP F 124 -5.28 6.90 7.22
CA ASP F 124 -4.63 5.56 7.15
CA ASP F 124 -4.63 5.57 7.12
C ASP F 124 -5.50 4.52 6.42
C ASP F 124 -5.47 4.65 6.21
N ASN F 125 -6.78 4.78 6.25
CA ASN F 125 -7.72 3.76 5.74
C ASN F 125 -8.40 4.27 4.48
N LEU F 126 -7.78 5.17 3.71
CA LEU F 126 -8.34 5.56 2.39
C LEU F 126 -7.52 4.92 1.25
#